data_6UR9
#
_entry.id   6UR9
#
_cell.length_a   93.629
_cell.length_b   108.069
_cell.length_c   149.748
_cell.angle_alpha   90.000
_cell.angle_beta   90.000
_cell.angle_gamma   90.000
#
_symmetry.space_group_name_H-M   'P 21 21 21'
#
loop_
_entity.id
_entity.type
_entity.pdbx_description
1 polymer 'DNA polymerase I'
2 polymer "DNA (5'-D(*GP*CP*GP*AP*TP*CP*AP*GP*(DOC))-3')"
3 polymer "DNA (5'-D(*CP*AP*CP*GP*CP*TP*GP*AP*TP*CP*GP*CP*A)-3')"
4 non-polymer "3'-amino-2',3'-dideoxyguanosine 5'-(tetrahydrogen triphosphate)"
5 non-polymer 'CALCIUM ION'
6 non-polymer 'SULFATE ION'
7 water water
#
loop_
_entity_poly.entity_id
_entity_poly.type
_entity_poly.pdbx_seq_one_letter_code
_entity_poly.pdbx_strand_id
1 'polypeptide(L)'
;KMAFTLADRVTEEMLADKAALVVEVVEENYHDAPIVGIAVVNEHGRFFLRPETALADPQFVAWLGDETKKKSMFDSKRAA
VALKWKGIELCGVSFDLLLAAYLLDPAQGVDDVAAAAKMKQYEAVRPDEAVYGKGAKRAVPDEPVLAEHLVRKAAAIWEL
ERPFLDELRRNEQDRLLVELEQPLSSILAEMEFAGVKVDTKRLEQMGKELAEQLGTVEQRIYELAGQEFNINSPKQLGVI
LFEKLQLPVLKKTKTGYSTSADVLEKLAPYHEIVENILHYRQLGKLQSTYIEGLLKVVRPATKKVHTIFNQALTQTGRLS
STEPNLQNIPIRLEEGRKIRQAFVPSESDWLIFAADYSQIELRVLAHIAEDDNLMEAFRRDLDIHTKTAMDIFQVSEDEV
TPNMRRQAKAVNYGIVYGISDYGLAQNLNISRKEAAEFIERYFESFPGVKRYMENIVQEAKQKGYVTTLLHRRRYLPDIT
SRNFNVRSFAERMAMNTPIQGSAADIIKKAMIDLNARLKEERLQAHLLLQVHDELILEAPKEEMERLCRLVPEVMEQAVT
LRVPLKVDYHYGSTWYDAK
;
A,D
2 'polydeoxyribonucleotide' (DG)(DC)(DG)(DA)(DT)(DC)(DA)(DG)(DOC) B,E
3 'polydeoxyribonucleotide' (DC)(DA)(DC)(DG)(DC)(DT)(DG)(DA)(DT)(DC)(DG)(DC)(DA) C,F
#
loop_
_chem_comp.id
_chem_comp.type
_chem_comp.name
_chem_comp.formula
CA non-polymer 'CALCIUM ION' 'Ca 2'
DA DNA linking 2'-DEOXYADENOSINE-5'-MONOPHOSPHATE 'C10 H14 N5 O6 P'
DC DNA linking 2'-DEOXYCYTIDINE-5'-MONOPHOSPHATE 'C9 H14 N3 O7 P'
DG DNA linking 2'-DEOXYGUANOSINE-5'-MONOPHOSPHATE 'C10 H14 N5 O7 P'
DOC DNA linking 2',3'-DIDEOXYCYTIDINE-5'-MONOPHOSPHATE 'C9 H14 N3 O6 P'
DT DNA linking THYMIDINE-5'-MONOPHOSPHATE 'C10 H15 N2 O8 P'
NG3 non-polymer '3'-amino-2',3'-dideoxyguanosine 5'-(tetrahydrogen triphosphate)' 'C10 H17 N6 O12 P3'
SO4 non-polymer 'SULFATE ION' 'O4 S -2'
#
# COMPACT_ATOMS: atom_id res chain seq x y z
N LYS A 1 -31.98 12.36 -8.16
CA LYS A 1 -32.35 12.60 -6.78
C LYS A 1 -32.33 14.11 -6.47
N MET A 2 -31.18 14.76 -6.67
CA MET A 2 -31.08 16.20 -6.47
C MET A 2 -31.60 16.94 -7.70
N ALA A 3 -32.53 17.88 -7.48
CA ALA A 3 -33.18 18.58 -8.57
C ALA A 3 -32.28 19.67 -9.13
N PHE A 4 -32.26 19.79 -10.45
CA PHE A 4 -31.51 20.84 -11.12
C PHE A 4 -32.04 20.99 -12.54
N THR A 5 -31.68 22.10 -13.16
CA THR A 5 -32.05 22.38 -14.55
C THR A 5 -30.88 22.02 -15.44
N LEU A 6 -31.08 21.05 -16.32
CA LEU A 6 -30.11 20.76 -17.38
C LEU A 6 -30.36 21.79 -18.47
N ALA A 7 -29.57 22.87 -18.45
CA ALA A 7 -29.86 24.05 -19.24
C ALA A 7 -29.38 23.90 -20.69
N ASP A 8 -30.24 24.29 -21.63
CA ASP A 8 -29.85 24.39 -23.03
C ASP A 8 -29.32 25.77 -23.40
N ARG A 9 -29.49 26.76 -22.53
CA ARG A 9 -28.99 28.11 -22.78
C ARG A 9 -28.80 28.80 -21.44
N VAL A 10 -28.08 29.92 -21.47
CA VAL A 10 -27.81 30.70 -20.27
C VAL A 10 -28.95 31.67 -20.04
N THR A 11 -29.48 31.69 -18.82
CA THR A 11 -30.53 32.62 -18.43
C THR A 11 -30.00 33.59 -17.38
N GLU A 12 -30.75 34.68 -17.18
CA GLU A 12 -30.30 35.74 -16.30
C GLU A 12 -30.23 35.28 -14.85
N GLU A 13 -31.12 34.38 -14.43
CA GLU A 13 -31.10 33.92 -13.04
C GLU A 13 -29.92 33.00 -12.74
N MET A 14 -29.21 32.53 -13.77
CA MET A 14 -27.94 31.84 -13.56
C MET A 14 -26.79 32.77 -13.24
N LEU A 15 -26.99 34.08 -13.40
CA LEU A 15 -25.91 35.04 -13.26
C LEU A 15 -26.13 35.96 -12.06
N ALA A 16 -26.49 35.39 -10.91
CA ALA A 16 -26.65 36.15 -9.69
C ALA A 16 -25.30 36.68 -9.21
N ASP A 17 -25.34 37.57 -8.22
CA ASP A 17 -24.10 38.14 -7.70
C ASP A 17 -23.46 37.32 -6.60
N LYS A 18 -24.04 36.16 -6.27
CA LYS A 18 -23.36 35.17 -5.44
C LYS A 18 -23.80 33.79 -5.90
N ALA A 19 -22.84 32.88 -6.02
CA ALA A 19 -23.14 31.55 -6.52
C ALA A 19 -21.99 30.61 -6.19
N ALA A 20 -22.33 29.32 -6.05
CA ALA A 20 -21.34 28.27 -6.08
C ALA A 20 -21.12 27.87 -7.53
N LEU A 21 -19.85 27.78 -7.94
CA LEU A 21 -19.50 27.51 -9.33
C LEU A 21 -18.59 26.30 -9.41
N VAL A 22 -18.90 25.39 -10.33
CA VAL A 22 -18.06 24.23 -10.61
C VAL A 22 -17.69 24.28 -12.09
N VAL A 23 -16.38 24.32 -12.36
CA VAL A 23 -15.86 24.25 -13.73
C VAL A 23 -14.97 23.02 -13.75
N GLU A 24 -15.52 21.89 -14.21
CA GLU A 24 -14.92 20.59 -13.95
C GLU A 24 -13.81 20.31 -14.95
N VAL A 25 -12.61 20.03 -14.43
CA VAL A 25 -11.47 19.62 -15.23
C VAL A 25 -10.96 18.31 -14.62
N VAL A 26 -11.13 17.21 -15.34
CA VAL A 26 -10.89 15.89 -14.77
C VAL A 26 -9.40 15.51 -14.86
N GLU A 27 -8.73 15.89 -15.94
CA GLU A 27 -7.32 15.56 -16.08
C GLU A 27 -6.51 16.16 -14.94
N GLU A 28 -5.61 15.36 -14.37
CA GLU A 28 -4.83 15.79 -13.22
C GLU A 28 -4.06 17.06 -13.51
N ASN A 29 -3.36 17.10 -14.64
CA ASN A 29 -2.70 18.32 -15.12
C ASN A 29 -3.73 19.13 -15.89
N TYR A 30 -4.14 20.27 -15.33
CA TYR A 30 -5.21 21.06 -15.91
C TYR A 30 -4.74 22.03 -16.99
N HIS A 31 -3.45 22.04 -17.31
CA HIS A 31 -2.95 22.93 -18.36
C HIS A 31 -3.43 22.45 -19.72
N ASP A 32 -4.15 23.32 -20.44
CA ASP A 32 -4.65 23.03 -21.78
C ASP A 32 -5.51 21.76 -21.78
N ALA A 33 -6.26 21.55 -20.67
CA ALA A 33 -7.09 20.37 -20.46
C ALA A 33 -8.56 20.69 -20.73
N PRO A 34 -9.36 19.69 -21.10
CA PRO A 34 -10.77 19.98 -21.43
C PRO A 34 -11.59 20.29 -20.19
N ILE A 35 -12.55 21.20 -20.37
CA ILE A 35 -13.58 21.46 -19.36
C ILE A 35 -14.79 20.61 -19.73
N VAL A 36 -15.16 19.68 -18.84
CA VAL A 36 -16.15 18.68 -19.22
C VAL A 36 -17.57 19.05 -18.79
N GLY A 37 -17.75 20.10 -18.01
CA GLY A 37 -19.07 20.48 -17.55
C GLY A 37 -18.99 21.63 -16.57
N ILE A 38 -20.13 22.30 -16.42
CA ILE A 38 -20.26 23.46 -15.55
C ILE A 38 -21.52 23.31 -14.72
N ALA A 39 -21.45 23.70 -13.46
CA ALA A 39 -22.63 23.73 -12.58
C ALA A 39 -22.65 25.03 -11.80
N VAL A 40 -23.85 25.59 -11.65
CA VAL A 40 -24.07 26.81 -10.87
C VAL A 40 -25.21 26.55 -9.89
N VAL A 41 -24.99 26.90 -8.62
CA VAL A 41 -26.04 26.87 -7.61
C VAL A 41 -26.11 28.25 -6.97
N ASN A 42 -27.31 28.83 -6.95
CA ASN A 42 -27.50 30.14 -6.34
C ASN A 42 -28.90 30.17 -5.72
N GLU A 43 -29.33 31.37 -5.33
CA GLU A 43 -30.63 31.55 -4.71
C GLU A 43 -31.78 31.13 -5.62
N HIS A 44 -31.57 31.15 -6.95
CA HIS A 44 -32.65 30.88 -7.89
C HIS A 44 -32.78 29.41 -8.26
N GLY A 45 -31.79 28.59 -7.97
CA GLY A 45 -31.89 27.18 -8.24
C GLY A 45 -30.52 26.60 -8.55
N ARG A 46 -30.54 25.38 -9.12
CA ARG A 46 -29.34 24.64 -9.48
C ARG A 46 -29.35 24.40 -10.99
N PHE A 47 -28.19 24.57 -11.61
CA PHE A 47 -28.10 24.55 -13.07
C PHE A 47 -26.85 23.81 -13.52
N PHE A 48 -27.00 23.00 -14.58
CA PHE A 48 -25.89 22.38 -15.27
C PHE A 48 -25.81 22.94 -16.68
N LEU A 49 -24.60 23.27 -17.12
CA LEU A 49 -24.36 23.84 -18.43
C LEU A 49 -23.27 23.05 -19.15
N ARG A 50 -23.53 22.67 -20.39
CA ARG A 50 -22.47 22.13 -21.22
C ARG A 50 -21.47 23.23 -21.54
N PRO A 51 -20.17 22.94 -21.56
CA PRO A 51 -19.18 24.01 -21.75
C PRO A 51 -19.28 24.72 -23.08
N GLU A 52 -19.68 24.02 -24.15
CA GLU A 52 -19.80 24.66 -25.45
C GLU A 52 -20.92 25.68 -25.51
N THR A 53 -21.94 25.53 -24.67
CA THR A 53 -23.00 26.54 -24.62
C THR A 53 -22.66 27.67 -23.65
N ALA A 54 -22.08 27.35 -22.49
CA ALA A 54 -21.81 28.38 -21.50
C ALA A 54 -20.61 29.24 -21.90
N LEU A 55 -19.51 28.61 -22.30
CA LEU A 55 -18.28 29.36 -22.54
C LEU A 55 -18.30 30.14 -23.84
N ALA A 56 -19.29 29.93 -24.70
CA ALA A 56 -19.50 30.75 -25.90
C ALA A 56 -20.62 31.76 -25.72
N ASP A 57 -21.23 31.82 -24.54
CA ASP A 57 -22.29 32.78 -24.27
C ASP A 57 -21.66 34.07 -23.77
N PRO A 58 -21.92 35.22 -24.40
CA PRO A 58 -21.25 36.46 -23.98
C PRO A 58 -21.64 36.90 -22.58
N GLN A 59 -22.87 36.63 -22.14
CA GLN A 59 -23.27 37.05 -20.79
C GLN A 59 -22.62 36.16 -19.74
N PHE A 60 -22.47 34.86 -20.01
CA PHE A 60 -21.82 33.99 -19.04
C PHE A 60 -20.33 34.33 -18.92
N VAL A 61 -19.68 34.63 -20.05
CA VAL A 61 -18.28 35.03 -20.02
C VAL A 61 -18.10 36.33 -19.25
N ALA A 62 -19.00 37.29 -19.46
CA ALA A 62 -18.91 38.55 -18.72
C ALA A 62 -19.14 38.32 -17.23
N TRP A 63 -20.07 37.43 -16.88
CA TRP A 63 -20.31 37.12 -15.48
C TRP A 63 -19.09 36.47 -14.84
N LEU A 64 -18.41 35.58 -15.56
CA LEU A 64 -17.21 34.94 -15.03
C LEU A 64 -16.14 35.95 -14.71
N GLY A 65 -15.97 36.97 -15.55
CA GLY A 65 -14.95 37.98 -15.38
C GLY A 65 -15.33 39.17 -14.53
N ASP A 66 -16.53 39.19 -13.94
CA ASP A 66 -16.98 40.31 -13.13
C ASP A 66 -16.58 40.05 -11.68
N GLU A 67 -15.66 40.86 -11.15
CA GLU A 67 -15.19 40.69 -9.79
C GLU A 67 -16.29 40.93 -8.76
N THR A 68 -17.35 41.67 -9.12
CA THR A 68 -18.44 41.95 -8.21
C THR A 68 -19.46 40.83 -8.15
N LYS A 69 -19.35 39.82 -9.01
CA LYS A 69 -20.17 38.62 -8.93
C LYS A 69 -19.34 37.57 -8.19
N LYS A 70 -19.73 37.27 -6.95
CA LYS A 70 -18.92 36.45 -6.06
C LYS A 70 -19.18 34.96 -6.31
N LYS A 71 -18.11 34.19 -6.43
CA LYS A 71 -18.18 32.76 -6.66
C LYS A 71 -17.54 32.01 -5.50
N SER A 72 -18.19 30.93 -5.07
CA SER A 72 -17.62 29.97 -4.14
C SER A 72 -17.29 28.70 -4.92
N MET A 73 -16.05 28.21 -4.76
CA MET A 73 -15.56 27.11 -5.58
C MET A 73 -14.73 26.16 -4.73
N PHE A 74 -14.32 25.07 -5.37
CA PHE A 74 -13.32 24.14 -4.84
C PHE A 74 -12.18 24.08 -5.84
N ASP A 75 -10.97 24.42 -5.39
CA ASP A 75 -9.79 24.48 -6.25
C ASP A 75 -10.02 25.45 -7.40
N SER A 76 -10.19 26.73 -7.03
CA SER A 76 -10.45 27.76 -8.03
C SER A 76 -9.26 27.99 -8.96
N LYS A 77 -8.03 27.68 -8.52
CA LYS A 77 -6.88 27.83 -9.40
C LYS A 77 -6.96 26.86 -10.58
N ARG A 78 -7.39 25.63 -10.33
CA ARG A 78 -7.60 24.68 -11.42
C ARG A 78 -8.57 25.23 -12.46
N ALA A 79 -9.67 25.83 -12.00
CA ALA A 79 -10.65 26.39 -12.93
C ALA A 79 -10.12 27.64 -13.62
N ALA A 80 -9.45 28.52 -12.88
CA ALA A 80 -8.93 29.76 -13.46
C ALA A 80 -7.93 29.47 -14.57
N VAL A 81 -7.01 28.53 -14.34
CA VAL A 81 -5.98 28.25 -15.34
C VAL A 81 -6.59 27.58 -16.57
N ALA A 82 -7.45 26.59 -16.35
CA ALA A 82 -8.13 25.94 -17.49
C ALA A 82 -8.95 26.94 -18.29
N LEU A 83 -9.55 27.92 -17.62
CA LEU A 83 -10.29 28.95 -18.34
C LEU A 83 -9.36 29.90 -19.08
N LYS A 84 -8.18 30.18 -18.51
CA LYS A 84 -7.19 30.97 -19.23
C LYS A 84 -6.76 30.26 -20.51
N TRP A 85 -6.59 28.93 -20.46
CA TRP A 85 -6.31 28.17 -21.67
C TRP A 85 -7.47 28.20 -22.66
N LYS A 86 -8.68 28.51 -22.19
CA LYS A 86 -9.82 28.74 -23.07
C LYS A 86 -10.01 30.21 -23.42
N GLY A 87 -9.05 31.07 -23.04
CA GLY A 87 -9.15 32.48 -23.34
C GLY A 87 -10.18 33.24 -22.53
N ILE A 88 -10.48 32.77 -21.31
CA ILE A 88 -11.54 33.33 -20.49
C ILE A 88 -10.96 33.68 -19.12
N GLU A 89 -11.26 34.89 -18.64
CA GLU A 89 -10.80 35.35 -17.35
C GLU A 89 -11.85 35.08 -16.28
N LEU A 90 -11.43 34.48 -15.17
CA LEU A 90 -12.30 34.21 -14.03
C LEU A 90 -11.93 35.15 -12.88
N CYS A 91 -12.93 35.88 -12.39
CA CYS A 91 -12.75 36.80 -11.26
C CYS A 91 -13.86 36.59 -10.25
N GLY A 92 -13.70 37.23 -9.09
CA GLY A 92 -14.74 37.24 -8.08
C GLY A 92 -14.81 36.01 -7.21
N VAL A 93 -13.76 35.19 -7.17
CA VAL A 93 -13.77 34.02 -6.30
C VAL A 93 -13.54 34.50 -4.87
N SER A 94 -14.58 34.37 -4.04
CA SER A 94 -14.51 34.85 -2.66
C SER A 94 -14.38 33.73 -1.64
N PHE A 95 -14.52 32.47 -2.04
CA PHE A 95 -14.38 31.34 -1.13
C PHE A 95 -13.91 30.12 -1.90
N ASP A 96 -12.81 29.52 -1.44
CA ASP A 96 -12.26 28.30 -2.04
C ASP A 96 -12.29 27.21 -0.96
N LEU A 97 -13.17 26.22 -1.14
CA LEU A 97 -13.35 25.17 -0.14
C LEU A 97 -12.10 24.33 0.04
N LEU A 98 -11.32 24.13 -1.03
CA LEU A 98 -10.08 23.37 -0.91
C LEU A 98 -9.12 24.05 0.04
N LEU A 99 -8.90 25.35 -0.15
CA LEU A 99 -7.95 26.08 0.70
C LEU A 99 -8.48 26.23 2.11
N ALA A 100 -9.80 26.35 2.28
CA ALA A 100 -10.37 26.43 3.62
C ALA A 100 -10.16 25.12 4.38
N ALA A 101 -10.40 23.98 3.73
CA ALA A 101 -10.17 22.70 4.38
C ALA A 101 -8.69 22.46 4.66
N TYR A 102 -7.83 22.90 3.75
CA TYR A 102 -6.38 22.77 3.94
C TYR A 102 -5.92 23.50 5.19
N LEU A 103 -6.39 24.73 5.38
CA LEU A 103 -6.01 25.50 6.57
C LEU A 103 -6.53 24.87 7.84
N LEU A 104 -7.76 24.34 7.81
CA LEU A 104 -8.34 23.77 9.02
C LEU A 104 -7.59 22.52 9.46
N ASP A 105 -7.13 21.70 8.51
CA ASP A 105 -6.37 20.51 8.85
C ASP A 105 -5.66 19.98 7.62
N PRO A 106 -4.36 20.25 7.47
CA PRO A 106 -3.63 19.76 6.28
C PRO A 106 -3.47 18.26 6.24
N ALA A 107 -3.54 17.58 7.40
CA ALA A 107 -3.35 16.14 7.44
C ALA A 107 -4.54 15.35 6.89
N GLN A 108 -5.69 16.00 6.70
CA GLN A 108 -6.83 15.29 6.13
C GLN A 108 -6.59 14.87 4.68
N GLY A 109 -5.65 15.52 3.99
CA GLY A 109 -5.40 15.19 2.60
C GLY A 109 -6.61 15.45 1.72
N VAL A 110 -7.36 16.50 2.01
CA VAL A 110 -8.57 16.81 1.23
C VAL A 110 -8.16 17.11 -0.20
N ASP A 111 -8.66 16.28 -1.14
CA ASP A 111 -8.37 16.47 -2.55
C ASP A 111 -9.64 16.53 -3.41
N ASP A 112 -10.82 16.40 -2.83
CA ASP A 112 -12.06 16.62 -3.58
C ASP A 112 -13.12 17.16 -2.64
N VAL A 113 -14.26 17.55 -3.22
CA VAL A 113 -15.33 18.18 -2.43
C VAL A 113 -15.85 17.21 -1.37
N ALA A 114 -15.99 15.93 -1.74
CA ALA A 114 -16.54 14.95 -0.80
C ALA A 114 -15.68 14.86 0.46
N ALA A 115 -14.35 14.88 0.32
CA ALA A 115 -13.48 14.79 1.49
C ALA A 115 -13.64 16.01 2.39
N ALA A 116 -13.75 17.20 1.78
CA ALA A 116 -13.98 18.40 2.59
C ALA A 116 -15.35 18.38 3.24
N ALA A 117 -16.38 17.94 2.50
CA ALA A 117 -17.72 17.90 3.03
C ALA A 117 -17.82 16.98 4.24
N LYS A 118 -17.06 15.90 4.24
CA LYS A 118 -17.10 14.94 5.35
C LYS A 118 -16.59 15.55 6.65
N MET A 119 -15.77 16.60 6.59
CA MET A 119 -15.34 17.29 7.80
C MET A 119 -16.50 17.93 8.54
N LYS A 120 -17.61 18.21 7.86
CA LYS A 120 -18.78 18.84 8.47
C LYS A 120 -20.01 17.93 8.41
N GLN A 121 -19.80 16.62 8.31
CA GLN A 121 -20.87 15.63 8.30
C GLN A 121 -21.83 15.85 7.15
N TYR A 122 -21.33 16.37 6.03
CA TYR A 122 -22.11 16.52 4.81
C TYR A 122 -21.68 15.43 3.84
N GLU A 123 -22.63 14.58 3.43
CA GLU A 123 -22.30 13.43 2.60
C GLU A 123 -23.25 13.27 1.41
N ALA A 124 -23.95 14.33 1.01
CA ALA A 124 -24.81 14.27 -0.16
C ALA A 124 -24.05 14.52 -1.46
N VAL A 125 -22.87 13.90 -1.60
CA VAL A 125 -22.00 14.09 -2.74
C VAL A 125 -21.04 12.92 -2.77
N ARG A 126 -20.64 12.51 -3.98
CA ARG A 126 -19.75 11.36 -4.07
C ARG A 126 -18.32 11.80 -4.27
N PRO A 127 -17.35 10.97 -3.88
CA PRO A 127 -15.95 11.25 -4.23
C PRO A 127 -15.76 11.22 -5.74
N ASP A 128 -14.82 12.03 -6.22
CA ASP A 128 -14.55 12.10 -7.66
C ASP A 128 -14.06 10.76 -8.20
N GLU A 129 -13.29 10.02 -7.40
CA GLU A 129 -12.84 8.69 -7.83
C GLU A 129 -14.02 7.75 -8.06
N ALA A 130 -15.04 7.85 -7.22
CA ALA A 130 -16.21 6.99 -7.38
C ALA A 130 -16.95 7.29 -8.68
N VAL A 131 -16.92 8.54 -9.13
CA VAL A 131 -17.62 8.90 -10.35
C VAL A 131 -16.77 8.67 -11.59
N TYR A 132 -15.47 8.99 -11.53
CA TYR A 132 -14.63 8.98 -12.72
C TYR A 132 -13.80 7.72 -12.88
N GLY A 133 -13.58 6.96 -11.80
CA GLY A 133 -12.74 5.78 -11.89
C GLY A 133 -11.26 6.12 -11.78
N LYS A 134 -10.44 5.09 -11.88
CA LYS A 134 -9.00 5.22 -11.66
C LYS A 134 -8.23 4.55 -12.80
N GLY A 135 -7.08 5.13 -13.13
CA GLY A 135 -6.17 4.50 -14.06
C GLY A 135 -6.71 4.47 -15.48
N ALA A 136 -6.51 3.33 -16.14
CA ALA A 136 -6.95 3.16 -17.52
C ALA A 136 -8.46 3.03 -17.65
N LYS A 137 -9.17 2.90 -16.54
CA LYS A 137 -10.63 2.87 -16.55
C LYS A 137 -11.24 4.24 -16.28
N ARG A 138 -10.42 5.26 -16.05
CA ARG A 138 -10.92 6.60 -15.79
C ARG A 138 -11.64 7.14 -17.02
N ALA A 139 -12.85 7.67 -16.82
CA ALA A 139 -13.62 8.19 -17.93
C ALA A 139 -14.68 9.15 -17.43
N VAL A 140 -15.03 10.10 -18.29
CA VAL A 140 -16.14 11.03 -18.03
C VAL A 140 -17.44 10.25 -18.18
N PRO A 141 -18.29 10.21 -17.15
CA PRO A 141 -19.51 9.39 -17.25
C PRO A 141 -20.55 10.00 -18.18
N ASP A 142 -21.68 9.31 -18.32
CA ASP A 142 -22.79 9.81 -19.12
C ASP A 142 -23.29 11.14 -18.54
N GLU A 143 -23.85 11.97 -19.42
CA GLU A 143 -24.22 13.34 -19.03
C GLU A 143 -25.13 13.42 -17.81
N PRO A 144 -26.20 12.63 -17.68
CA PRO A 144 -27.01 12.72 -16.45
C PRO A 144 -26.21 12.41 -15.20
N VAL A 145 -25.27 11.46 -15.27
CA VAL A 145 -24.43 11.17 -14.11
C VAL A 145 -23.46 12.31 -13.85
N LEU A 146 -22.84 12.83 -14.91
CA LEU A 146 -21.92 13.96 -14.77
C LEU A 146 -22.64 15.18 -14.22
N ALA A 147 -23.81 15.49 -14.76
CA ALA A 147 -24.52 16.71 -14.36
C ALA A 147 -24.89 16.68 -12.89
N GLU A 148 -25.41 15.55 -12.40
CA GLU A 148 -25.78 15.48 -10.99
C GLU A 148 -24.56 15.57 -10.09
N HIS A 149 -23.45 14.94 -10.49
CA HIS A 149 -22.23 15.00 -9.68
C HIS A 149 -21.75 16.45 -9.54
N LEU A 150 -21.72 17.20 -10.64
CA LEU A 150 -21.28 18.58 -10.56
C LEU A 150 -22.26 19.44 -9.78
N VAL A 151 -23.57 19.21 -9.96
CA VAL A 151 -24.57 19.94 -9.20
C VAL A 151 -24.42 19.65 -7.71
N ARG A 152 -24.23 18.37 -7.35
CA ARG A 152 -24.06 18.02 -5.95
C ARG A 152 -22.78 18.63 -5.38
N LYS A 153 -21.73 18.73 -6.18
CA LYS A 153 -20.51 19.39 -5.70
C LYS A 153 -20.76 20.88 -5.48
N ALA A 154 -21.48 21.53 -6.40
CA ALA A 154 -21.81 22.94 -6.22
C ALA A 154 -22.73 23.17 -5.03
N ALA A 155 -23.73 22.30 -4.86
CA ALA A 155 -24.63 22.43 -3.71
C ALA A 155 -23.87 22.25 -2.40
N ALA A 156 -22.93 21.31 -2.37
CA ALA A 156 -22.10 21.12 -1.19
C ALA A 156 -21.32 22.39 -0.88
N ILE A 157 -20.65 22.96 -1.88
CA ILE A 157 -19.93 24.22 -1.68
C ILE A 157 -20.87 25.30 -1.18
N TRP A 158 -22.07 25.37 -1.75
CA TRP A 158 -23.05 26.38 -1.34
C TRP A 158 -23.40 26.26 0.14
N GLU A 159 -23.56 25.02 0.62
CA GLU A 159 -23.95 24.79 2.01
C GLU A 159 -22.77 24.86 2.97
N LEU A 160 -21.55 24.57 2.50
CA LEU A 160 -20.42 24.40 3.40
C LEU A 160 -19.63 25.68 3.65
N GLU A 161 -19.90 26.75 2.91
CA GLU A 161 -19.10 27.97 3.05
C GLU A 161 -19.20 28.54 4.45
N ARG A 162 -20.43 28.64 4.99
CA ARG A 162 -20.58 29.27 6.30
C ARG A 162 -19.98 28.44 7.42
N PRO A 163 -20.25 27.13 7.56
CA PRO A 163 -19.58 26.37 8.63
C PRO A 163 -18.07 26.35 8.52
N PHE A 164 -17.52 26.33 7.30
CA PHE A 164 -16.07 26.41 7.17
C PHE A 164 -15.55 27.77 7.60
N LEU A 165 -16.21 28.85 7.19
CA LEU A 165 -15.79 30.18 7.61
C LEU A 165 -15.93 30.37 9.12
N ASP A 166 -16.93 29.74 9.73
CA ASP A 166 -17.11 29.86 11.18
C ASP A 166 -15.95 29.23 11.94
N GLU A 167 -15.51 28.04 11.52
CA GLU A 167 -14.41 27.40 12.22
C GLU A 167 -13.09 28.11 11.93
N LEU A 168 -12.90 28.59 10.71
CA LEU A 168 -11.71 29.38 10.42
C LEU A 168 -11.63 30.61 11.31
N ARG A 169 -12.77 31.27 11.55
CA ARG A 169 -12.81 32.39 12.46
C ARG A 169 -12.37 31.98 13.86
N ARG A 170 -12.90 30.86 14.36
CA ARG A 170 -12.51 30.39 15.69
C ARG A 170 -11.02 30.08 15.76
N ASN A 171 -10.44 29.56 14.67
CA ASN A 171 -9.03 29.24 14.62
C ASN A 171 -8.15 30.45 14.32
N GLU A 172 -8.73 31.65 14.20
CA GLU A 172 -8.00 32.85 13.82
C GLU A 172 -7.36 32.66 12.44
N GLN A 173 -8.09 32.01 11.53
CA GLN A 173 -7.58 31.71 10.20
C GLN A 173 -8.40 32.33 9.07
N ASP A 174 -9.44 33.10 9.38
CA ASP A 174 -10.29 33.62 8.31
C ASP A 174 -9.55 34.64 7.46
N ARG A 175 -8.68 35.45 8.06
CA ARG A 175 -7.85 36.35 7.26
C ARG A 175 -6.76 35.60 6.52
N LEU A 176 -6.24 34.53 7.14
CA LEU A 176 -5.27 33.67 6.45
C LEU A 176 -5.85 33.16 5.13
N LEU A 177 -7.14 32.80 5.12
CA LEU A 177 -7.77 32.33 3.90
C LEU A 177 -8.07 33.46 2.93
N VAL A 178 -8.74 34.51 3.42
CA VAL A 178 -9.32 35.51 2.51
C VAL A 178 -8.28 36.49 2.03
N GLU A 179 -7.30 36.83 2.87
CA GLU A 179 -6.33 37.85 2.52
C GLU A 179 -4.97 37.30 2.16
N LEU A 180 -4.73 35.99 2.32
CA LEU A 180 -3.43 35.40 1.96
C LEU A 180 -3.59 34.27 0.94
N GLU A 181 -4.23 33.16 1.31
CA GLU A 181 -4.21 31.99 0.42
C GLU A 181 -5.03 32.23 -0.84
N GLN A 182 -6.19 32.88 -0.73
CA GLN A 182 -7.02 33.07 -1.92
C GLN A 182 -6.40 34.10 -2.87
N PRO A 183 -5.90 35.26 -2.39
CA PRO A 183 -5.18 36.13 -3.31
C PRO A 183 -3.94 35.48 -3.91
N LEU A 184 -3.22 34.66 -3.14
CA LEU A 184 -2.08 33.94 -3.68
C LEU A 184 -2.50 32.98 -4.79
N SER A 185 -3.68 32.36 -4.65
CA SER A 185 -4.16 31.41 -5.65
C SER A 185 -4.24 32.06 -7.02
N SER A 186 -4.74 33.29 -7.10
CA SER A 186 -4.82 33.97 -8.38
C SER A 186 -3.44 34.32 -8.92
N ILE A 187 -2.48 34.62 -8.04
CA ILE A 187 -1.13 34.92 -8.47
C ILE A 187 -0.46 33.67 -9.03
N LEU A 188 -0.60 32.56 -8.31
CA LEU A 188 -0.05 31.29 -8.80
C LEU A 188 -0.67 30.92 -10.15
N ALA A 189 -1.97 31.14 -10.30
CA ALA A 189 -2.63 30.86 -11.57
C ALA A 189 -1.97 31.62 -12.71
N GLU A 190 -1.66 32.91 -12.48
CA GLU A 190 -0.96 33.70 -13.49
C GLU A 190 0.44 33.14 -13.75
N MET A 191 1.16 32.80 -12.69
CA MET A 191 2.51 32.24 -12.86
C MET A 191 2.47 30.94 -13.65
N GLU A 192 1.55 30.04 -13.30
CA GLU A 192 1.45 28.76 -14.01
C GLU A 192 1.11 28.97 -15.47
N PHE A 193 0.17 29.86 -15.77
CA PHE A 193 -0.27 30.06 -17.15
C PHE A 193 0.82 30.73 -17.98
N ALA A 194 1.56 31.67 -17.39
CA ALA A 194 2.64 32.33 -18.13
C ALA A 194 3.72 31.33 -18.52
N GLY A 195 4.09 30.43 -17.61
CA GLY A 195 5.10 29.44 -17.88
C GLY A 195 6.50 30.04 -17.89
N VAL A 196 7.49 29.19 -18.16
CA VAL A 196 8.89 29.57 -18.24
C VAL A 196 9.45 29.05 -19.56
N LYS A 197 10.10 29.95 -20.32
CA LYS A 197 10.65 29.59 -21.62
C LYS A 197 11.89 28.73 -21.47
N VAL A 198 12.04 27.75 -22.38
CA VAL A 198 13.14 26.79 -22.34
C VAL A 198 13.95 26.90 -23.63
N ASP A 199 15.27 26.98 -23.50
CA ASP A 199 16.18 26.91 -24.65
C ASP A 199 16.31 25.44 -25.02
N THR A 200 15.45 25.02 -25.94
CA THR A 200 15.32 23.61 -26.26
C THR A 200 16.52 23.09 -27.08
N LYS A 201 17.17 23.96 -27.85
CA LYS A 201 18.37 23.54 -28.58
C LYS A 201 19.55 23.36 -27.63
N ARG A 202 19.74 24.28 -26.69
CA ARG A 202 20.81 24.13 -25.71
C ARG A 202 20.60 22.89 -24.85
N LEU A 203 19.36 22.61 -24.48
CA LEU A 203 19.07 21.46 -23.64
C LEU A 203 19.36 20.14 -24.37
N GLU A 204 19.02 20.07 -25.65
CA GLU A 204 19.26 18.85 -26.41
C GLU A 204 20.75 18.64 -26.67
N GLN A 205 21.50 19.72 -26.87
CA GLN A 205 22.95 19.59 -27.04
C GLN A 205 23.60 19.15 -25.74
N MET A 206 23.14 19.69 -24.60
CA MET A 206 23.58 19.18 -23.32
C MET A 206 23.26 17.71 -23.17
N GLY A 207 22.09 17.29 -23.64
CA GLY A 207 21.72 15.89 -23.56
C GLY A 207 22.62 15.01 -24.39
N LYS A 208 23.04 15.48 -25.56
CA LYS A 208 23.91 14.66 -26.42
C LYS A 208 25.32 14.56 -25.85
N GLU A 209 25.86 15.68 -25.37
CA GLU A 209 27.18 15.64 -24.73
C GLU A 209 27.15 14.82 -23.45
N LEU A 210 26.01 14.82 -22.74
CA LEU A 210 25.91 14.05 -21.50
C LEU A 210 25.86 12.56 -21.78
N ALA A 211 25.19 12.15 -22.86
CA ALA A 211 25.14 10.74 -23.21
C ALA A 211 26.52 10.17 -23.50
N GLU A 212 27.41 10.98 -24.08
CA GLU A 212 28.77 10.53 -24.34
C GLU A 212 29.57 10.39 -23.05
N GLN A 213 29.41 11.32 -22.11
CA GLN A 213 30.12 11.23 -20.85
C GLN A 213 29.57 10.10 -19.98
N LEU A 214 28.28 9.79 -20.10
CA LEU A 214 27.73 8.65 -19.38
C LEU A 214 28.35 7.35 -19.87
N GLY A 215 28.58 7.24 -21.19
CA GLY A 215 29.19 6.05 -21.73
C GLY A 215 30.62 5.85 -21.25
N THR A 216 31.39 6.95 -21.19
CA THR A 216 32.77 6.86 -20.72
C THR A 216 32.83 6.40 -19.28
N VAL A 217 32.04 7.03 -18.40
CA VAL A 217 32.04 6.64 -16.99
C VAL A 217 31.50 5.23 -16.83
N GLU A 218 30.50 4.86 -17.63
CA GLU A 218 29.93 3.52 -17.56
C GLU A 218 31.00 2.46 -17.86
N GLN A 219 31.76 2.65 -18.95
CA GLN A 219 32.81 1.70 -19.28
C GLN A 219 33.88 1.66 -18.20
N ARG A 220 34.23 2.82 -17.63
CA ARG A 220 35.20 2.87 -16.55
C ARG A 220 34.73 2.03 -15.35
N ILE A 221 33.44 2.06 -15.06
CA ILE A 221 32.90 1.31 -13.94
C ILE A 221 33.01 -0.18 -14.19
N TYR A 222 32.63 -0.63 -15.39
CA TYR A 222 32.76 -2.04 -15.74
C TYR A 222 34.22 -2.48 -15.70
N GLU A 223 35.12 -1.62 -16.17
CA GLU A 223 36.55 -1.93 -16.11
C GLU A 223 37.03 -2.08 -14.67
N LEU A 224 36.54 -1.23 -13.77
CA LEU A 224 36.92 -1.30 -12.37
C LEU A 224 36.22 -2.45 -11.64
N ALA A 225 35.01 -2.82 -12.07
CA ALA A 225 34.28 -3.91 -11.45
C ALA A 225 34.61 -5.27 -12.03
N GLY A 226 35.41 -5.33 -13.10
CA GLY A 226 35.76 -6.57 -13.76
C GLY A 226 34.79 -7.03 -14.83
N GLN A 227 33.50 -6.81 -14.62
CA GLN A 227 32.45 -7.27 -15.52
C GLN A 227 31.47 -6.13 -15.79
N GLU A 228 30.45 -6.43 -16.58
CA GLU A 228 29.36 -5.49 -16.83
C GLU A 228 28.14 -5.89 -16.01
N PHE A 229 27.36 -4.88 -15.62
CA PHE A 229 26.17 -5.10 -14.81
C PHE A 229 25.30 -3.86 -14.90
N ASN A 230 24.06 -3.99 -14.43
CA ASN A 230 23.15 -2.84 -14.34
C ASN A 230 23.56 -2.03 -13.12
N ILE A 231 24.27 -0.92 -13.38
CA ILE A 231 24.74 -0.05 -12.30
C ILE A 231 23.58 0.53 -11.52
N ASN A 232 22.44 0.75 -12.19
CA ASN A 232 21.25 1.29 -11.54
C ASN A 232 20.45 0.23 -10.80
N SER A 233 20.84 -1.04 -10.87
CA SER A 233 20.15 -2.11 -10.16
C SER A 233 20.59 -2.11 -8.71
N PRO A 234 19.70 -1.83 -7.76
CA PRO A 234 20.10 -1.83 -6.34
C PRO A 234 20.61 -3.18 -5.88
N LYS A 235 20.08 -4.27 -6.44
CA LYS A 235 20.57 -5.59 -6.11
C LYS A 235 21.96 -5.82 -6.70
N GLN A 236 22.07 -5.74 -8.04
CA GLN A 236 23.33 -6.07 -8.70
C GLN A 236 24.48 -5.19 -8.22
N LEU A 237 24.20 -3.93 -7.90
CA LEU A 237 25.26 -3.05 -7.40
C LEU A 237 25.74 -3.51 -6.03
N GLY A 238 24.82 -3.79 -5.11
CA GLY A 238 25.18 -4.33 -3.82
C GLY A 238 25.92 -5.65 -3.90
N VAL A 239 25.74 -6.39 -4.98
CA VAL A 239 26.48 -7.64 -5.17
C VAL A 239 27.92 -7.33 -5.55
N ILE A 240 28.14 -6.36 -6.43
CA ILE A 240 29.50 -6.02 -6.84
C ILE A 240 30.27 -5.41 -5.66
N LEU A 241 29.65 -4.47 -4.95
CA LEU A 241 30.36 -3.75 -3.90
C LEU A 241 30.60 -4.64 -2.68
N PHE A 242 29.56 -5.30 -2.18
CA PHE A 242 29.61 -5.94 -0.87
C PHE A 242 29.77 -7.45 -0.92
N GLU A 243 29.78 -8.05 -2.11
CA GLU A 243 30.02 -9.49 -2.23
C GLU A 243 31.24 -9.81 -3.09
N LYS A 244 31.39 -9.16 -4.25
CA LYS A 244 32.56 -9.40 -5.08
C LYS A 244 33.77 -8.64 -4.55
N LEU A 245 33.61 -7.34 -4.31
CA LEU A 245 34.70 -6.50 -3.82
C LEU A 245 34.84 -6.54 -2.30
N GLN A 246 33.88 -7.12 -1.59
CA GLN A 246 33.97 -7.34 -0.15
C GLN A 246 34.12 -6.03 0.62
N LEU A 247 33.44 -4.98 0.17
CA LEU A 247 33.46 -3.73 0.89
C LEU A 247 32.60 -3.84 2.15
N PRO A 248 32.92 -3.07 3.19
CA PRO A 248 32.13 -3.14 4.43
C PRO A 248 30.68 -2.75 4.20
N VAL A 249 29.80 -3.39 4.97
CA VAL A 249 28.37 -3.12 4.93
C VAL A 249 28.06 -2.14 6.06
N LEU A 250 27.93 -0.85 5.71
CA LEU A 250 27.72 0.20 6.68
C LEU A 250 26.25 0.44 7.00
N LYS A 251 25.34 -0.06 6.17
CA LYS A 251 23.92 0.28 6.30
C LYS A 251 23.11 -0.68 5.45
N LYS A 252 21.98 -1.11 5.97
CA LYS A 252 21.04 -1.96 5.24
C LYS A 252 19.71 -1.24 5.06
N THR A 253 18.98 -1.64 4.03
CA THR A 253 17.61 -1.20 3.82
C THR A 253 16.67 -2.37 4.13
N LYS A 254 15.38 -2.12 3.99
CA LYS A 254 14.40 -3.19 4.12
C LYS A 254 14.52 -4.20 2.97
N THR A 255 15.21 -3.85 1.89
CA THR A 255 15.31 -4.69 0.71
C THR A 255 16.72 -5.24 0.49
N GLY A 256 17.73 -4.69 1.15
CA GLY A 256 19.09 -5.19 0.96
C GLY A 256 20.10 -4.17 1.45
N TYR A 257 21.29 -4.20 0.82
CA TYR A 257 22.33 -3.24 1.17
C TYR A 257 21.94 -1.84 0.70
N SER A 258 22.30 -0.85 1.50
CA SER A 258 22.11 0.53 1.09
C SER A 258 23.29 0.99 0.26
N THR A 259 23.01 1.76 -0.80
CA THR A 259 24.04 2.39 -1.62
C THR A 259 23.80 3.88 -1.73
N SER A 260 23.18 4.49 -0.72
CA SER A 260 22.95 5.92 -0.72
C SER A 260 24.27 6.68 -0.78
N ALA A 261 24.19 7.96 -1.13
CA ALA A 261 25.39 8.75 -1.39
C ALA A 261 26.27 8.87 -0.15
N ASP A 262 25.64 8.98 1.03
CA ASP A 262 26.45 9.08 2.25
C ASP A 262 27.22 7.80 2.51
N VAL A 263 26.62 6.65 2.19
CA VAL A 263 27.32 5.37 2.34
C VAL A 263 28.48 5.29 1.36
N LEU A 264 28.24 5.69 0.11
CA LEU A 264 29.27 5.65 -0.91
C LEU A 264 30.42 6.59 -0.58
N GLU A 265 30.13 7.74 0.03
CA GLU A 265 31.19 8.64 0.45
C GLU A 265 32.10 7.98 1.48
N LYS A 266 31.51 7.26 2.44
CA LYS A 266 32.31 6.60 3.48
C LYS A 266 33.06 5.39 2.95
N LEU A 267 32.63 4.82 1.83
CA LEU A 267 33.33 3.70 1.21
C LEU A 267 34.41 4.13 0.23
N ALA A 268 34.54 5.44 -0.03
CA ALA A 268 35.56 5.91 -0.97
C ALA A 268 36.98 5.49 -0.62
N PRO A 269 37.41 5.44 0.65
CA PRO A 269 38.78 4.99 0.94
C PRO A 269 39.06 3.53 0.60
N TYR A 270 38.03 2.72 0.36
CA TYR A 270 38.24 1.28 0.15
C TYR A 270 38.40 0.92 -1.31
N HIS A 271 37.78 1.66 -2.22
CA HIS A 271 37.80 1.32 -3.63
C HIS A 271 37.39 2.54 -4.44
N GLU A 272 38.12 2.81 -5.53
CA GLU A 272 37.84 3.99 -6.33
C GLU A 272 36.61 3.83 -7.23
N ILE A 273 36.02 2.63 -7.28
CA ILE A 273 34.83 2.43 -8.11
C ILE A 273 33.66 3.24 -7.57
N VAL A 274 33.62 3.50 -6.25
CA VAL A 274 32.45 4.15 -5.67
C VAL A 274 32.38 5.61 -6.07
N GLU A 275 33.53 6.27 -6.29
CA GLU A 275 33.50 7.63 -6.78
C GLU A 275 33.02 7.69 -8.23
N ASN A 276 33.34 6.68 -9.03
CA ASN A 276 32.81 6.59 -10.38
C ASN A 276 31.32 6.33 -10.36
N ILE A 277 30.85 5.49 -9.42
CA ILE A 277 29.41 5.24 -9.29
C ILE A 277 28.67 6.53 -9.00
N LEU A 278 29.18 7.32 -8.04
CA LEU A 278 28.55 8.59 -7.71
C LEU A 278 28.51 9.53 -8.90
N HIS A 279 29.61 9.59 -9.67
CA HIS A 279 29.62 10.41 -10.87
C HIS A 279 28.61 9.90 -11.90
N TYR A 280 28.49 8.58 -12.03
CA TYR A 280 27.53 8.01 -12.96
C TYR A 280 26.10 8.39 -12.59
N ARG A 281 25.73 8.22 -11.32
CA ARG A 281 24.37 8.54 -10.89
C ARG A 281 24.05 10.02 -11.09
N GLN A 282 25.00 10.90 -10.77
CA GLN A 282 24.76 12.32 -10.91
C GLN A 282 24.53 12.70 -12.38
N LEU A 283 25.28 12.08 -13.29
CA LEU A 283 25.03 12.30 -14.71
C LEU A 283 23.69 11.73 -15.13
N GLY A 284 23.40 10.49 -14.71
CA GLY A 284 22.12 9.89 -15.03
C GLY A 284 20.95 10.66 -14.44
N LYS A 285 21.13 11.23 -13.25
CA LYS A 285 20.10 12.07 -12.65
C LYS A 285 19.78 13.27 -13.53
N LEU A 286 20.82 13.94 -14.04
CA LEU A 286 20.62 15.06 -14.95
C LEU A 286 19.95 14.62 -16.24
N GLN A 287 20.38 13.48 -16.79
CA GLN A 287 19.84 13.03 -18.06
C GLN A 287 18.37 12.64 -17.94
N SER A 288 18.04 11.84 -16.92
CA SER A 288 16.68 11.30 -16.81
C SER A 288 15.68 12.35 -16.34
N THR A 289 16.05 13.13 -15.32
CA THR A 289 15.11 14.04 -14.68
C THR A 289 15.14 15.45 -15.28
N TYR A 290 16.33 15.99 -15.56
CA TYR A 290 16.46 17.39 -15.89
C TYR A 290 16.78 17.66 -17.37
N ILE A 291 16.92 16.61 -18.18
CA ILE A 291 17.07 16.82 -19.62
C ILE A 291 15.93 16.13 -20.35
N GLU A 292 15.87 14.79 -20.23
CA GLU A 292 14.80 14.05 -20.88
C GLU A 292 13.44 14.37 -20.27
N GLY A 293 13.35 14.32 -18.93
CA GLY A 293 12.09 14.60 -18.28
C GLY A 293 11.58 16.01 -18.54
N LEU A 294 12.49 16.97 -18.66
CA LEU A 294 12.08 18.35 -18.93
C LEU A 294 11.59 18.49 -20.38
N LEU A 295 12.30 17.88 -21.33
CA LEU A 295 11.85 17.93 -22.73
C LEU A 295 10.51 17.25 -22.93
N LYS A 296 10.17 16.28 -22.08
CA LYS A 296 8.89 15.61 -22.18
C LYS A 296 7.73 16.58 -21.99
N VAL A 297 7.89 17.57 -21.12
CA VAL A 297 6.79 18.43 -20.71
C VAL A 297 6.88 19.82 -21.31
N VAL A 298 7.86 20.06 -22.19
CA VAL A 298 7.91 21.33 -22.91
C VAL A 298 6.77 21.38 -23.93
N ARG A 299 5.99 22.45 -23.89
CA ARG A 299 4.99 22.66 -24.92
C ARG A 299 5.69 23.09 -26.21
N PRO A 300 5.66 22.29 -27.27
CA PRO A 300 6.58 22.52 -28.39
C PRO A 300 6.34 23.81 -29.15
N ALA A 301 5.08 24.27 -29.28
CA ALA A 301 4.82 25.45 -30.09
C ALA A 301 5.35 26.72 -29.41
N THR A 302 5.44 26.73 -28.09
CA THR A 302 5.90 27.90 -27.35
C THR A 302 7.24 27.69 -26.65
N LYS A 303 7.73 26.45 -26.57
CA LYS A 303 8.96 26.14 -25.83
C LYS A 303 8.84 26.51 -24.35
N LYS A 304 7.63 26.46 -23.80
CA LYS A 304 7.38 26.81 -22.42
C LYS A 304 7.02 25.58 -21.60
N VAL A 305 7.47 25.55 -20.35
CA VAL A 305 7.02 24.58 -19.37
C VAL A 305 6.07 25.28 -18.41
N HIS A 306 4.98 24.59 -18.05
CA HIS A 306 3.94 25.15 -17.19
C HIS A 306 3.80 24.24 -15.98
N THR A 307 4.48 24.60 -14.88
CA THR A 307 4.36 23.80 -13.67
C THR A 307 2.99 24.02 -13.03
N ILE A 308 2.68 23.15 -12.07
CA ILE A 308 1.51 23.31 -11.22
C ILE A 308 2.01 23.44 -9.79
N PHE A 309 1.72 24.58 -9.17
CA PHE A 309 2.05 24.79 -7.76
C PHE A 309 0.90 24.26 -6.92
N ASN A 310 1.13 23.16 -6.23
CA ASN A 310 0.12 22.59 -5.34
C ASN A 310 0.09 23.42 -4.06
N GLN A 311 -1.02 24.13 -3.85
CA GLN A 311 -1.13 25.06 -2.74
C GLN A 311 -1.75 24.43 -1.49
N ALA A 312 -2.32 23.24 -1.60
CA ALA A 312 -3.00 22.60 -0.47
C ALA A 312 -2.47 21.19 -0.24
N LEU A 313 -1.15 21.06 -0.14
CA LEU A 313 -0.52 19.74 -0.04
C LEU A 313 0.40 19.62 1.16
N THR A 314 1.42 20.46 1.29
CA THR A 314 2.42 20.26 2.34
C THR A 314 1.79 20.50 3.72
N GLN A 315 2.36 19.81 4.72
CA GLN A 315 1.85 19.91 6.08
C GLN A 315 2.31 21.17 6.80
N THR A 316 3.25 21.93 6.23
CA THR A 316 3.77 23.14 6.86
C THR A 316 3.28 24.42 6.22
N GLY A 317 2.59 24.35 5.09
CA GLY A 317 2.18 25.54 4.37
C GLY A 317 3.05 25.91 3.20
N ARG A 318 4.16 25.21 2.99
CA ARG A 318 4.93 25.45 1.78
C ARG A 318 4.11 25.05 0.56
N LEU A 319 4.55 25.54 -0.60
CA LEU A 319 4.07 25.03 -1.87
C LEU A 319 4.86 23.80 -2.27
N SER A 320 4.33 23.07 -3.24
CA SER A 320 5.10 22.09 -3.99
C SER A 320 4.86 22.35 -5.47
N SER A 321 5.73 21.78 -6.31
CA SER A 321 5.73 22.06 -7.74
C SER A 321 5.85 20.74 -8.49
N THR A 322 4.95 20.52 -9.45
CA THR A 322 4.84 19.23 -10.12
C THR A 322 4.76 19.40 -11.63
N GLU A 323 5.34 18.41 -12.33
CA GLU A 323 5.20 18.18 -13.77
C GLU A 323 5.34 19.45 -14.61
N PRO A 324 6.55 20.03 -14.71
CA PRO A 324 7.75 19.59 -14.02
C PRO A 324 7.91 20.24 -12.65
N ASN A 325 8.69 19.63 -11.76
CA ASN A 325 9.09 20.27 -10.51
C ASN A 325 10.16 21.30 -10.83
N LEU A 326 9.80 22.58 -10.72
CA LEU A 326 10.74 23.67 -10.94
C LEU A 326 11.30 24.21 -9.65
N GLN A 327 11.11 23.49 -8.54
CA GLN A 327 11.68 23.86 -7.24
C GLN A 327 12.89 23.02 -6.86
N ASN A 328 13.36 22.13 -7.74
CA ASN A 328 14.54 21.34 -7.45
C ASN A 328 15.47 21.24 -8.65
N ILE A 329 15.57 22.33 -9.41
CA ILE A 329 16.55 22.40 -10.52
C ILE A 329 17.95 22.52 -9.93
N PRO A 330 18.92 21.70 -10.35
CA PRO A 330 20.22 21.66 -9.66
C PRO A 330 20.92 23.01 -9.66
N ILE A 331 21.78 23.22 -8.65
CA ILE A 331 22.49 24.48 -8.52
C ILE A 331 23.78 24.30 -7.73
N ARG A 332 23.85 23.24 -6.91
CA ARG A 332 24.99 23.10 -6.00
C ARG A 332 26.27 22.73 -6.75
N LEU A 333 26.18 21.75 -7.65
CA LEU A 333 27.32 21.33 -8.47
C LEU A 333 27.25 22.02 -9.83
N GLU A 334 28.42 22.43 -10.33
CA GLU A 334 28.46 23.19 -11.58
C GLU A 334 27.94 22.38 -12.75
N GLU A 335 28.21 21.07 -12.77
CA GLU A 335 27.73 20.23 -13.87
C GLU A 335 26.20 20.24 -13.93
N GLY A 336 25.54 20.22 -12.77
CA GLY A 336 24.09 20.30 -12.75
C GLY A 336 23.58 21.72 -12.90
N ARG A 337 24.32 22.69 -12.38
CA ARG A 337 23.87 24.09 -12.44
C ARG A 337 23.70 24.58 -13.87
N LYS A 338 24.45 23.99 -14.81
CA LYS A 338 24.35 24.40 -16.21
C LYS A 338 22.96 24.17 -16.79
N ILE A 339 22.17 23.26 -16.21
CA ILE A 339 20.80 23.05 -16.64
C ILE A 339 20.03 24.37 -16.69
N ARG A 340 20.31 25.26 -15.73
CA ARG A 340 19.61 26.53 -15.65
C ARG A 340 19.98 27.49 -16.77
N GLN A 341 20.98 27.17 -17.59
CA GLN A 341 21.22 27.93 -18.81
C GLN A 341 20.09 27.73 -19.82
N ALA A 342 19.34 26.64 -19.72
CA ALA A 342 18.22 26.38 -20.62
C ALA A 342 16.94 27.11 -20.22
N PHE A 343 16.92 27.78 -19.07
CA PHE A 343 15.75 28.53 -18.64
C PHE A 343 15.97 30.01 -18.98
N VAL A 344 15.15 30.52 -19.90
CA VAL A 344 15.42 31.81 -20.53
C VAL A 344 14.18 32.68 -20.43
N PRO A 345 14.33 33.99 -20.63
CA PRO A 345 13.16 34.87 -20.66
C PRO A 345 12.26 34.57 -21.84
N SER A 346 10.97 34.89 -21.68
CA SER A 346 9.99 34.58 -22.70
C SER A 346 9.99 35.58 -23.85
N GLU A 347 10.70 36.70 -23.72
CA GLU A 347 10.80 37.70 -24.77
C GLU A 347 12.25 38.09 -24.97
N SER A 348 12.56 38.57 -26.18
CA SER A 348 13.89 39.11 -26.43
C SER A 348 14.09 40.41 -25.66
N ASP A 349 15.32 40.64 -25.22
CA ASP A 349 15.71 41.80 -24.42
C ASP A 349 14.97 41.84 -23.07
N TRP A 350 14.48 40.71 -22.59
CA TRP A 350 14.09 40.56 -21.20
C TRP A 350 15.19 39.81 -20.45
N LEU A 351 15.11 39.84 -19.12
CA LEU A 351 16.10 39.20 -18.28
C LEU A 351 15.40 38.45 -17.14
N ILE A 352 16.11 37.49 -16.57
CA ILE A 352 15.63 36.75 -15.40
C ILE A 352 16.13 37.46 -14.15
N PHE A 353 15.24 37.66 -13.18
CA PHE A 353 15.57 38.29 -11.91
C PHE A 353 15.25 37.32 -10.77
N ALA A 354 16.25 37.04 -9.93
CA ALA A 354 16.09 36.13 -8.80
C ALA A 354 16.44 36.82 -7.50
N ALA A 355 15.62 36.59 -6.47
CA ALA A 355 15.81 37.19 -5.15
C ALA A 355 15.41 36.18 -4.09
N ASP A 356 16.30 35.95 -3.13
CA ASP A 356 16.06 34.96 -2.08
C ASP A 356 16.37 35.55 -0.70
N TYR A 357 15.64 35.07 0.30
CA TYR A 357 15.89 35.43 1.68
C TYR A 357 17.19 34.79 2.18
N SER A 358 17.89 35.51 3.05
CA SER A 358 19.09 34.99 3.70
C SER A 358 18.69 34.46 5.08
N GLN A 359 18.77 33.15 5.26
CA GLN A 359 18.59 32.49 6.56
C GLN A 359 17.24 32.85 7.20
N ILE A 360 16.17 32.78 6.41
CA ILE A 360 14.88 33.26 6.92
C ILE A 360 14.41 32.42 8.11
N GLU A 361 14.62 31.10 8.06
CA GLU A 361 14.11 30.26 9.14
C GLU A 361 14.89 30.49 10.43
N LEU A 362 16.20 30.74 10.35
CA LEU A 362 16.94 31.05 11.56
C LEU A 362 16.58 32.44 12.10
N ARG A 363 16.30 33.39 11.20
CA ARG A 363 15.81 34.70 11.64
C ARG A 363 14.43 34.58 12.26
N VAL A 364 13.55 33.77 11.66
CA VAL A 364 12.25 33.51 12.25
C VAL A 364 12.40 32.87 13.62
N LEU A 365 13.34 31.93 13.75
CA LEU A 365 13.56 31.26 15.03
C LEU A 365 14.03 32.27 16.08
N ALA A 366 14.96 33.15 15.73
CA ALA A 366 15.43 34.16 16.67
C ALA A 366 14.27 35.03 17.16
N HIS A 367 13.36 35.39 16.24
CA HIS A 367 12.21 36.22 16.61
C HIS A 367 11.25 35.45 17.52
N ILE A 368 10.95 34.19 17.19
CA ILE A 368 9.97 33.43 17.95
C ILE A 368 10.53 33.02 19.30
N ALA A 369 11.78 32.58 19.33
CA ALA A 369 12.41 32.20 20.59
C ALA A 369 12.83 33.40 21.42
N GLU A 370 12.92 34.59 20.81
CA GLU A 370 13.43 35.79 21.47
C GLU A 370 14.77 35.50 22.15
N ASP A 371 15.64 34.81 21.42
CA ASP A 371 16.98 34.50 21.91
C ASP A 371 17.88 35.72 21.74
N ASP A 372 18.43 36.21 22.85
CA ASP A 372 19.22 37.44 22.82
C ASP A 372 20.41 37.32 21.88
N ASN A 373 21.15 36.21 21.97
CA ASN A 373 22.36 36.07 21.17
C ASN A 373 22.04 35.87 19.70
N LEU A 374 21.01 35.06 19.40
CA LEU A 374 20.64 34.84 18.00
C LEU A 374 20.08 36.11 17.37
N MET A 375 19.29 36.87 18.13
CA MET A 375 18.78 38.14 17.61
C MET A 375 19.92 39.12 17.37
N GLU A 376 20.88 39.19 18.30
CA GLU A 376 22.04 40.06 18.12
C GLU A 376 22.84 39.68 16.89
N ALA A 377 22.94 38.37 16.61
CA ALA A 377 23.70 37.92 15.44
C ALA A 377 23.09 38.44 14.14
N PHE A 378 21.76 38.37 14.02
CA PHE A 378 21.13 38.81 12.78
C PHE A 378 20.94 40.32 12.73
N ARG A 379 20.91 40.99 13.87
CA ARG A 379 20.96 42.45 13.85
C ARG A 379 22.29 42.97 13.34
N ARG A 380 23.35 42.18 13.49
CA ARG A 380 24.64 42.45 12.88
C ARG A 380 24.74 41.96 11.44
N ASP A 381 23.68 41.32 10.93
CA ASP A 381 23.70 40.69 9.59
C ASP A 381 24.87 39.72 9.44
N LEU A 382 25.15 38.97 10.50
CA LEU A 382 26.18 37.93 10.43
C LEU A 382 25.72 36.80 9.52
N ASP A 383 26.65 36.27 8.73
CA ASP A 383 26.41 35.01 8.05
C ASP A 383 26.64 33.90 9.07
N ILE A 384 25.56 33.31 9.56
CA ILE A 384 25.69 32.35 10.66
C ILE A 384 26.16 30.99 10.14
N HIS A 385 25.81 30.63 8.90
CA HIS A 385 26.36 29.41 8.33
C HIS A 385 27.87 29.52 8.19
N THR A 386 28.36 30.66 7.70
CA THR A 386 29.80 30.88 7.59
C THR A 386 30.45 30.90 8.97
N LYS A 387 29.80 31.51 9.96
CA LYS A 387 30.34 31.50 11.32
C LYS A 387 30.39 30.07 11.85
N THR A 388 29.36 29.27 11.59
CA THR A 388 29.38 27.88 12.00
C THR A 388 30.44 27.09 11.23
N ALA A 389 30.59 27.38 9.93
CA ALA A 389 31.63 26.72 9.15
C ALA A 389 33.01 27.04 9.71
N MET A 390 33.23 28.29 10.10
CA MET A 390 34.48 28.65 10.78
C MET A 390 34.66 27.84 12.05
N ASP A 391 33.56 27.58 12.76
CA ASP A 391 33.64 26.88 14.04
C ASP A 391 33.63 25.37 13.89
N ILE A 392 33.20 24.85 12.74
CA ILE A 392 33.25 23.42 12.48
C ILE A 392 34.58 23.09 11.84
N PHE A 393 34.75 23.51 10.59
CA PHE A 393 36.00 23.30 9.85
C PHE A 393 36.95 24.42 10.26
N GLN A 394 37.82 24.11 11.24
CA GLN A 394 38.63 25.10 11.94
C GLN A 394 39.46 25.96 10.99
N VAL A 395 38.81 26.99 10.43
CA VAL A 395 39.44 27.97 9.55
C VAL A 395 38.92 29.35 9.93
N SER A 396 39.33 30.35 9.17
CA SER A 396 38.80 31.70 9.29
C SER A 396 37.82 31.97 8.15
N GLU A 397 37.25 33.18 8.15
CA GLU A 397 36.16 33.47 7.20
C GLU A 397 36.64 33.43 5.77
N ASP A 398 37.86 33.89 5.51
CA ASP A 398 38.37 33.91 4.14
C ASP A 398 38.67 32.51 3.62
N GLU A 399 38.78 31.53 4.49
CA GLU A 399 39.10 30.16 4.10
C GLU A 399 37.88 29.27 3.96
N VAL A 400 36.67 29.77 4.25
CA VAL A 400 35.48 28.96 4.13
C VAL A 400 35.13 28.77 2.67
N THR A 401 34.97 27.51 2.26
CA THR A 401 34.63 27.17 0.89
C THR A 401 33.11 27.11 0.73
N PRO A 402 32.61 27.04 -0.51
CA PRO A 402 31.17 26.80 -0.69
C PRO A 402 30.71 25.48 -0.12
N ASN A 403 31.57 24.46 -0.10
CA ASN A 403 31.17 23.15 0.44
C ASN A 403 31.09 23.18 1.95
N MET A 404 32.04 23.85 2.62
CA MET A 404 32.01 23.93 4.08
C MET A 404 30.77 24.69 4.55
N ARG A 405 30.42 25.78 3.87
CA ARG A 405 29.21 26.52 4.22
C ARG A 405 27.97 25.68 3.94
N ARG A 406 27.96 24.94 2.83
CA ARG A 406 26.86 24.05 2.51
C ARG A 406 26.65 23.03 3.64
N GLN A 407 27.75 22.55 4.22
CA GLN A 407 27.66 21.56 5.30
C GLN A 407 27.32 22.23 6.63
N ALA A 408 27.81 23.44 6.86
CA ALA A 408 27.47 24.15 8.09
C ALA A 408 26.00 24.53 8.13
N LYS A 409 25.40 24.77 6.96
CA LYS A 409 23.98 25.09 6.90
C LYS A 409 23.13 23.94 7.42
N ALA A 410 23.50 22.70 7.08
CA ALA A 410 22.79 21.53 7.58
C ALA A 410 22.98 21.33 9.07
N VAL A 411 24.08 21.83 9.64
CA VAL A 411 24.32 21.71 11.08
C VAL A 411 23.53 22.78 11.83
N ASN A 412 23.50 24.01 11.30
CA ASN A 412 22.70 25.07 11.92
C ASN A 412 21.22 24.69 11.92
N TYR A 413 20.72 24.21 10.79
CA TYR A 413 19.31 23.82 10.73
C TYR A 413 19.07 22.45 11.37
N GLY A 414 20.04 21.54 11.29
CA GLY A 414 19.88 20.26 11.95
C GLY A 414 19.73 20.40 13.45
N ILE A 415 20.59 21.21 14.08
CA ILE A 415 20.61 21.33 15.53
C ILE A 415 19.31 21.94 16.03
N VAL A 416 18.89 23.05 15.43
CA VAL A 416 17.67 23.72 15.88
C VAL A 416 16.43 22.87 15.64
N TYR A 417 16.52 21.83 14.80
CA TYR A 417 15.39 20.96 14.51
C TYR A 417 15.58 19.56 15.06
N GLY A 418 16.38 19.43 16.13
CA GLY A 418 16.43 18.21 16.88
C GLY A 418 17.29 17.10 16.31
N ILE A 419 18.35 17.44 15.56
CA ILE A 419 19.32 16.42 15.17
C ILE A 419 19.94 15.84 16.43
N SER A 420 20.19 14.54 16.42
CA SER A 420 20.83 13.87 17.55
C SER A 420 22.35 13.93 17.39
N ASP A 421 23.06 13.60 18.48
CA ASP A 421 24.51 13.48 18.40
C ASP A 421 24.91 12.41 17.39
N TYR A 422 24.11 11.36 17.26
CA TYR A 422 24.37 10.34 16.24
C TYR A 422 24.30 10.92 14.84
N GLY A 423 23.17 11.57 14.51
CA GLY A 423 23.03 12.13 13.18
C GLY A 423 24.08 13.18 12.86
N LEU A 424 24.41 14.03 13.84
CA LEU A 424 25.44 15.03 13.61
C LEU A 424 26.81 14.39 13.43
N ALA A 425 27.12 13.36 14.21
CA ALA A 425 28.40 12.68 14.07
C ALA A 425 28.51 12.00 12.71
N GLN A 426 27.40 11.42 12.22
CA GLN A 426 27.42 10.75 10.92
C GLN A 426 27.55 11.75 9.77
N ASN A 427 27.03 12.97 9.94
CA ASN A 427 27.09 13.94 8.85
C ASN A 427 28.46 14.60 8.74
N LEU A 428 29.10 14.86 9.87
CA LEU A 428 30.39 15.52 9.90
C LEU A 428 31.57 14.55 9.94
N ASN A 429 31.30 13.25 10.05
CA ASN A 429 32.33 12.23 10.23
C ASN A 429 33.24 12.57 11.41
N ILE A 430 32.60 12.75 12.56
CA ILE A 430 33.29 13.05 13.81
C ILE A 430 32.76 12.10 14.87
N SER A 431 33.47 12.04 16.00
CA SER A 431 33.04 11.17 17.09
C SER A 431 31.71 11.64 17.66
N ARG A 432 31.02 10.73 18.34
CA ARG A 432 29.69 11.02 18.86
C ARG A 432 29.74 11.88 20.12
N LYS A 433 30.77 11.69 20.96
CA LYS A 433 30.95 12.57 22.11
C LYS A 433 31.23 14.00 21.67
N GLU A 434 32.00 14.14 20.59
CA GLU A 434 32.31 15.47 20.06
C GLU A 434 31.06 16.14 19.50
N ALA A 435 30.21 15.38 18.81
CA ALA A 435 28.95 15.93 18.31
C ALA A 435 28.03 16.30 19.47
N ALA A 436 27.96 15.45 20.50
CA ALA A 436 27.13 15.76 21.65
C ALA A 436 27.61 17.02 22.36
N GLU A 437 28.93 17.20 22.48
CA GLU A 437 29.44 18.39 23.13
C GLU A 437 29.28 19.63 22.25
N PHE A 438 29.27 19.45 20.93
CA PHE A 438 29.01 20.58 20.04
C PHE A 438 27.56 21.04 20.15
N ILE A 439 26.62 20.09 20.21
CA ILE A 439 25.21 20.43 20.42
C ILE A 439 25.05 21.13 21.76
N GLU A 440 25.74 20.62 22.79
CA GLU A 440 25.66 21.23 24.13
C GLU A 440 26.18 22.66 24.11
N ARG A 441 27.33 22.89 23.45
CA ARG A 441 27.85 24.24 23.30
C ARG A 441 26.86 25.14 22.57
N TYR A 442 26.24 24.62 21.52
CA TYR A 442 25.30 25.42 20.72
C TYR A 442 24.18 25.96 21.59
N PHE A 443 23.57 25.10 22.41
CA PHE A 443 22.45 25.51 23.23
C PHE A 443 22.86 26.33 24.44
N GLU A 444 24.15 26.31 24.81
CA GLU A 444 24.63 27.23 25.82
C GLU A 444 24.84 28.62 25.25
N SER A 445 25.22 28.72 23.97
CA SER A 445 25.28 30.02 23.31
C SER A 445 23.90 30.56 23.00
N PHE A 446 22.92 29.68 22.79
CA PHE A 446 21.56 30.09 22.45
C PHE A 446 20.56 29.41 23.38
N PRO A 447 20.53 29.79 24.66
CA PRO A 447 19.59 29.17 25.59
C PRO A 447 18.14 29.51 25.31
N GLY A 448 17.87 30.66 24.67
CA GLY A 448 16.50 30.97 24.29
C GLY A 448 15.95 29.99 23.27
N VAL A 449 16.81 29.51 22.36
CA VAL A 449 16.39 28.51 21.40
C VAL A 449 16.03 27.21 22.11
N LYS A 450 16.88 26.77 23.04
CA LYS A 450 16.60 25.55 23.79
C LYS A 450 15.29 25.67 24.57
N ARG A 451 15.04 26.84 25.17
CA ARG A 451 13.79 27.04 25.89
C ARG A 451 12.58 26.94 24.95
N TYR A 452 12.69 27.53 23.75
CA TYR A 452 11.59 27.43 22.79
C TYR A 452 11.35 25.99 22.37
N MET A 453 12.43 25.22 22.19
CA MET A 453 12.29 23.81 21.86
C MET A 453 11.48 23.08 22.93
N GLU A 454 11.80 23.32 24.20
CA GLU A 454 11.06 22.69 25.29
C GLU A 454 9.65 23.24 25.38
N ASN A 455 9.48 24.55 25.20
CA ASN A 455 8.17 25.16 25.37
C ASN A 455 7.21 24.78 24.25
N ILE A 456 7.70 24.72 23.01
CA ILE A 456 6.79 24.44 21.90
C ILE A 456 6.29 23.01 21.96
N VAL A 457 7.10 22.08 22.49
CA VAL A 457 6.64 20.70 22.66
C VAL A 457 5.57 20.63 23.74
N GLN A 458 5.74 21.37 24.84
CA GLN A 458 4.71 21.41 25.87
C GLN A 458 3.45 22.11 25.36
N GLU A 459 3.63 23.19 24.60
CA GLU A 459 2.49 23.84 23.96
C GLU A 459 1.72 22.86 23.08
N ALA A 460 2.44 22.01 22.34
CA ALA A 460 1.79 21.05 21.47
C ALA A 460 1.02 19.99 22.26
N LYS A 461 1.60 19.52 23.36
CA LYS A 461 0.91 18.52 24.19
C LYS A 461 -0.34 19.11 24.83
N GLN A 462 -0.30 20.39 25.22
CA GLN A 462 -1.45 21.00 25.89
C GLN A 462 -2.56 21.35 24.90
N LYS A 463 -2.20 21.93 23.74
CA LYS A 463 -3.21 22.37 22.79
C LYS A 463 -3.58 21.30 21.77
N GLY A 464 -2.70 20.35 21.50
CA GLY A 464 -2.93 19.35 20.48
C GLY A 464 -2.43 19.71 19.10
N TYR A 465 -1.85 20.91 18.93
CA TYR A 465 -1.40 21.39 17.63
C TYR A 465 -0.36 22.48 17.86
N VAL A 466 0.30 22.87 16.77
CA VAL A 466 1.19 24.03 16.77
C VAL A 466 0.74 24.97 15.66
N THR A 467 1.16 26.23 15.76
CA THR A 467 0.75 27.26 14.82
C THR A 467 1.97 28.02 14.31
N THR A 468 1.76 28.77 13.24
CA THR A 468 2.75 29.66 12.65
C THR A 468 2.39 31.11 12.98
N LEU A 469 3.22 32.04 12.50
CA LEU A 469 3.02 33.45 12.81
C LEU A 469 1.71 33.97 12.26
N LEU A 470 1.29 33.50 11.09
CA LEU A 470 0.03 33.93 10.50
C LEU A 470 -1.08 32.92 10.74
N HIS A 471 -0.92 32.05 11.75
CA HIS A 471 -1.97 31.21 12.32
C HIS A 471 -2.30 29.99 11.46
N ARG A 472 -1.35 29.55 10.64
CA ARG A 472 -1.44 28.22 10.06
C ARG A 472 -1.37 27.18 11.18
N ARG A 473 -1.93 26.00 10.93
CA ARG A 473 -2.14 25.02 12.00
C ARG A 473 -1.72 23.64 11.54
N ARG A 474 -1.15 22.86 12.46
CA ARG A 474 -0.83 21.44 12.20
C ARG A 474 -1.05 20.65 13.48
N TYR A 475 -1.98 19.70 13.43
CA TYR A 475 -2.27 18.87 14.59
C TYR A 475 -1.21 17.77 14.73
N LEU A 476 -0.79 17.53 15.96
CA LEU A 476 0.21 16.51 16.27
C LEU A 476 -0.33 15.55 17.32
N PRO A 477 -1.25 14.66 16.93
CA PRO A 477 -1.75 13.66 17.89
C PRO A 477 -0.67 12.72 18.40
N ASP A 478 0.37 12.47 17.60
CA ASP A 478 1.44 11.58 18.04
C ASP A 478 2.30 12.18 19.15
N ILE A 479 2.09 13.44 19.53
CA ILE A 479 2.96 14.08 20.51
C ILE A 479 2.79 13.45 21.89
N THR A 480 1.62 12.86 22.17
CA THR A 480 1.38 12.13 23.42
C THR A 480 1.32 10.63 23.19
N SER A 481 2.08 10.13 22.22
CA SER A 481 2.14 8.70 21.97
C SER A 481 3.05 8.02 22.98
N ARG A 482 2.69 6.79 23.35
CA ARG A 482 3.50 6.01 24.28
C ARG A 482 4.72 5.41 23.61
N ASN A 483 4.70 5.23 22.29
CA ASN A 483 5.87 4.78 21.57
C ASN A 483 6.89 5.91 21.50
N PHE A 484 8.10 5.65 22.03
CA PHE A 484 9.12 6.70 22.09
C PHE A 484 9.46 7.23 20.70
N ASN A 485 9.63 6.34 19.73
CA ASN A 485 10.04 6.76 18.39
C ASN A 485 8.95 7.59 17.73
N VAL A 486 7.69 7.19 17.87
CA VAL A 486 6.59 7.95 17.27
C VAL A 486 6.46 9.31 17.94
N ARG A 487 6.61 9.35 19.27
CA ARG A 487 6.53 10.62 20.00
C ARG A 487 7.69 11.54 19.61
N SER A 488 8.87 10.96 19.38
CA SER A 488 10.03 11.78 19.03
C SER A 488 9.87 12.43 17.66
N PHE A 489 9.30 11.70 16.69
CA PHE A 489 9.02 12.30 15.40
C PHE A 489 8.04 13.46 15.53
N ALA A 490 7.01 13.30 16.36
CA ALA A 490 6.04 14.38 16.55
C ALA A 490 6.68 15.58 17.23
N GLU A 491 7.59 15.34 18.18
CA GLU A 491 8.23 16.45 18.89
C GLU A 491 9.11 17.26 17.95
N ARG A 492 9.78 16.59 17.01
CA ARG A 492 10.59 17.34 16.03
C ARG A 492 9.71 18.09 15.05
N MET A 493 8.49 17.60 14.80
CA MET A 493 7.55 18.37 13.99
C MET A 493 7.08 19.62 14.72
N ALA A 494 6.81 19.50 16.02
CA ALA A 494 6.44 20.68 16.80
C ALA A 494 7.57 21.70 16.84
N MET A 495 8.82 21.24 16.77
CA MET A 495 9.96 22.14 16.73
C MET A 495 10.05 22.85 15.39
N ASN A 496 9.83 22.12 14.29
CA ASN A 496 10.18 22.60 12.96
C ASN A 496 9.01 23.29 12.25
N THR A 497 7.79 22.79 12.42
CA THR A 497 6.65 23.33 11.67
C THR A 497 6.39 24.80 11.92
N PRO A 498 6.40 25.32 13.16
CA PRO A 498 6.17 26.76 13.33
C PRO A 498 7.21 27.62 12.64
N ILE A 499 8.42 27.11 12.40
CA ILE A 499 9.47 27.90 11.78
C ILE A 499 9.42 27.82 10.26
N GLN A 500 9.40 26.59 9.72
CA GLN A 500 9.24 26.43 8.28
C GLN A 500 7.93 27.05 7.80
N GLY A 501 6.87 26.87 8.57
CA GLY A 501 5.57 27.40 8.18
C GLY A 501 5.51 28.91 8.25
N SER A 502 6.12 29.50 9.26
CA SER A 502 6.18 30.97 9.32
C SER A 502 6.96 31.52 8.14
N ALA A 503 8.06 30.86 7.75
CA ALA A 503 8.79 31.28 6.56
C ALA A 503 7.94 31.15 5.31
N ALA A 504 7.08 30.12 5.25
CA ALA A 504 6.14 30.01 4.14
C ALA A 504 5.11 31.11 4.17
N ASP A 505 4.60 31.47 5.37
CA ASP A 505 3.67 32.58 5.48
C ASP A 505 4.28 33.86 4.95
N ILE A 506 5.54 34.13 5.30
CA ILE A 506 6.16 35.42 5.00
C ILE A 506 6.36 35.59 3.49
N ILE A 507 6.88 34.56 2.82
CA ILE A 507 7.12 34.71 1.39
C ILE A 507 5.80 34.75 0.63
N LYS A 508 4.75 34.09 1.14
CA LYS A 508 3.43 34.19 0.51
C LYS A 508 2.90 35.61 0.56
N LYS A 509 2.99 36.26 1.73
CA LYS A 509 2.58 37.66 1.81
C LYS A 509 3.46 38.53 0.94
N ALA A 510 4.75 38.21 0.85
CA ALA A 510 5.65 38.98 0.00
C ALA A 510 5.21 38.93 -1.46
N MET A 511 4.75 37.76 -1.91
CA MET A 511 4.27 37.63 -3.29
C MET A 511 3.04 38.49 -3.54
N ILE A 512 2.13 38.55 -2.56
CA ILE A 512 0.94 39.39 -2.71
C ILE A 512 1.33 40.86 -2.75
N ASP A 513 2.17 41.28 -1.81
CA ASP A 513 2.65 42.67 -1.80
C ASP A 513 3.40 43.01 -3.07
N LEU A 514 4.28 42.11 -3.52
CA LEU A 514 5.05 42.37 -4.73
C LEU A 514 4.15 42.51 -5.95
N ASN A 515 3.18 41.60 -6.08
CA ASN A 515 2.24 41.67 -7.19
C ASN A 515 1.50 43.00 -7.21
N ALA A 516 1.08 43.48 -6.04
CA ALA A 516 0.38 44.77 -5.99
C ALA A 516 1.29 45.92 -6.36
N ARG A 517 2.55 45.89 -5.92
CA ARG A 517 3.47 46.97 -6.26
C ARG A 517 3.80 46.98 -7.75
N LEU A 518 3.95 45.79 -8.35
CA LEU A 518 4.25 45.71 -9.77
C LEU A 518 3.13 46.32 -10.60
N LYS A 519 1.87 46.06 -10.24
CA LYS A 519 0.76 46.66 -10.97
C LYS A 519 0.66 48.15 -10.67
N GLU A 520 0.90 48.54 -9.41
CA GLU A 520 0.92 49.95 -9.05
C GLU A 520 1.90 50.73 -9.91
N GLU A 521 3.10 50.19 -10.11
CA GLU A 521 4.13 50.85 -10.90
C GLU A 521 3.95 50.64 -12.40
N ARG A 522 2.94 49.88 -12.82
CA ARG A 522 2.67 49.60 -14.22
C ARG A 522 3.89 49.00 -14.92
N LEU A 523 4.54 48.07 -14.23
CA LEU A 523 5.69 47.35 -14.79
C LEU A 523 5.22 46.08 -15.48
N GLN A 524 5.94 45.71 -16.55
CA GLN A 524 5.71 44.44 -17.22
C GLN A 524 6.31 43.27 -16.47
N ALA A 525 7.18 43.54 -15.49
CA ALA A 525 7.76 42.48 -14.67
C ALA A 525 6.66 41.62 -14.05
N HIS A 526 6.86 40.30 -14.08
CA HIS A 526 5.90 39.39 -13.46
C HIS A 526 6.63 38.20 -12.87
N LEU A 527 5.99 37.57 -11.89
CA LEU A 527 6.54 36.40 -11.23
C LEU A 527 6.51 35.20 -12.17
N LEU A 528 7.57 34.38 -12.09
CA LEU A 528 7.61 33.09 -12.78
C LEU A 528 7.54 31.92 -11.82
N LEU A 529 8.38 31.92 -10.79
CA LEU A 529 8.50 30.78 -9.88
C LEU A 529 8.65 31.28 -8.46
N GLN A 530 8.24 30.42 -7.51
CA GLN A 530 8.61 30.53 -6.12
C GLN A 530 9.33 29.26 -5.72
N VAL A 531 10.47 29.39 -5.04
CA VAL A 531 11.25 28.25 -4.58
C VAL A 531 11.47 28.37 -3.08
N HIS A 532 10.37 28.40 -2.31
CA HIS A 532 10.35 28.28 -0.86
C HIS A 532 10.80 29.54 -0.14
N ASP A 533 12.00 30.05 -0.44
CA ASP A 533 12.45 31.33 0.11
C ASP A 533 12.95 32.24 -0.99
N GLU A 534 12.51 32.01 -2.22
CA GLU A 534 13.14 32.57 -3.41
C GLU A 534 12.06 32.89 -4.42
N LEU A 535 12.11 34.09 -4.99
CA LEU A 535 11.17 34.51 -6.03
C LEU A 535 11.93 34.73 -7.32
N ILE A 536 11.42 34.17 -8.42
CA ILE A 536 12.02 34.30 -9.74
C ILE A 536 11.05 35.09 -10.62
N LEU A 537 11.57 36.12 -11.28
CA LEU A 537 10.79 36.97 -12.16
C LEU A 537 11.51 37.10 -13.50
N GLU A 538 10.77 37.59 -14.49
CA GLU A 538 11.34 38.07 -15.75
C GLU A 538 10.76 39.45 -16.05
N ALA A 539 11.53 40.26 -16.76
CA ALA A 539 11.14 41.64 -17.02
C ALA A 539 12.02 42.19 -18.14
N PRO A 540 11.56 43.25 -18.82
CA PRO A 540 12.43 43.93 -19.79
C PRO A 540 13.67 44.49 -19.10
N LYS A 541 14.76 44.55 -19.86
CA LYS A 541 16.01 45.09 -19.31
C LYS A 541 15.83 46.52 -18.83
N GLU A 542 14.91 47.28 -19.44
CA GLU A 542 14.65 48.65 -19.02
C GLU A 542 14.04 48.77 -17.63
N GLU A 543 13.58 47.65 -17.05
CA GLU A 543 13.01 47.67 -15.72
C GLU A 543 13.93 47.10 -14.65
N MET A 544 15.12 46.61 -15.03
CA MET A 544 15.98 45.92 -14.06
C MET A 544 16.38 46.83 -12.91
N GLU A 545 16.77 48.07 -13.21
CA GLU A 545 17.23 48.96 -12.14
C GLU A 545 16.12 49.26 -11.15
N ARG A 546 14.90 49.49 -11.63
CA ARG A 546 13.77 49.69 -10.72
C ARG A 546 13.48 48.43 -9.92
N LEU A 547 13.65 47.26 -10.54
CA LEU A 547 13.37 46.00 -9.84
C LEU A 547 14.38 45.74 -8.73
N CYS A 548 15.65 46.09 -8.96
CA CYS A 548 16.67 45.91 -7.94
C CYS A 548 16.36 46.69 -6.67
N ARG A 549 15.56 47.74 -6.77
CA ARG A 549 15.19 48.55 -5.62
C ARG A 549 13.85 48.14 -5.04
N LEU A 550 12.94 47.62 -5.88
CA LEU A 550 11.58 47.29 -5.49
C LEU A 550 11.45 45.90 -4.86
N VAL A 551 11.98 44.87 -5.51
CA VAL A 551 11.75 43.50 -5.06
C VAL A 551 12.37 43.24 -3.69
N PRO A 552 13.64 43.56 -3.43
CA PRO A 552 14.17 43.30 -2.07
C PRO A 552 13.42 44.07 -1.00
N GLU A 553 13.02 45.31 -1.27
CA GLU A 553 12.30 46.09 -0.27
C GLU A 553 10.96 45.45 0.07
N VAL A 554 10.21 45.02 -0.94
CA VAL A 554 8.92 44.38 -0.69
C VAL A 554 9.11 43.12 0.14
N MET A 555 10.08 42.29 -0.23
CA MET A 555 10.30 41.03 0.49
C MET A 555 10.78 41.28 1.92
N GLU A 556 11.66 42.26 2.10
CA GLU A 556 12.19 42.55 3.43
C GLU A 556 11.16 43.19 4.35
N GLN A 557 10.13 43.82 3.80
CA GLN A 557 9.13 44.52 4.60
C GLN A 557 7.81 43.76 4.69
N ALA A 558 7.74 42.53 4.19
CA ALA A 558 6.49 41.78 4.20
C ALA A 558 5.95 41.62 5.62
N VAL A 559 6.84 41.36 6.58
CA VAL A 559 6.49 41.37 8.00
C VAL A 559 7.60 42.13 8.73
N THR A 560 7.28 42.57 9.95
CA THR A 560 8.24 43.24 10.81
C THR A 560 8.53 42.34 12.00
N LEU A 561 9.74 41.78 12.05
CA LEU A 561 10.17 40.90 13.12
C LEU A 561 11.07 41.67 14.09
N ARG A 562 11.50 40.98 15.15
CA ARG A 562 12.47 41.53 16.07
C ARG A 562 13.87 41.61 15.47
N VAL A 563 14.09 40.95 14.33
CA VAL A 563 15.34 41.06 13.59
C VAL A 563 15.01 41.48 12.17
N PRO A 564 15.98 42.06 11.45
CA PRO A 564 15.73 42.41 10.05
C PRO A 564 15.64 41.16 9.18
N LEU A 565 14.89 41.28 8.09
CA LEU A 565 14.92 40.31 7.02
C LEU A 565 15.88 40.81 5.94
N LYS A 566 16.63 39.87 5.36
CA LYS A 566 17.68 40.19 4.40
C LYS A 566 17.44 39.43 3.11
N VAL A 567 17.57 40.12 1.98
CA VAL A 567 17.31 39.54 0.67
C VAL A 567 18.52 39.79 -0.23
N ASP A 568 19.04 38.72 -0.83
CA ASP A 568 20.03 38.83 -1.90
C ASP A 568 19.31 38.70 -3.24
N TYR A 569 19.88 39.33 -4.27
CA TYR A 569 19.24 39.36 -5.57
C TYR A 569 20.28 39.43 -6.67
N HIS A 570 19.93 38.84 -7.82
CA HIS A 570 20.78 38.82 -8.99
C HIS A 570 19.89 38.80 -10.23
N TYR A 571 20.48 39.11 -11.38
CA TYR A 571 19.75 39.03 -12.65
C TYR A 571 20.72 38.71 -13.78
N GLY A 572 20.16 38.25 -14.89
CA GLY A 572 20.97 37.85 -16.02
C GLY A 572 20.10 37.38 -17.17
N SER A 573 20.76 37.00 -18.27
CA SER A 573 20.04 36.60 -19.47
C SER A 573 19.48 35.19 -19.37
N THR A 574 19.97 34.37 -18.45
CA THR A 574 19.38 33.07 -18.18
C THR A 574 19.27 32.90 -16.67
N TRP A 575 18.50 31.91 -16.25
CA TRP A 575 18.40 31.59 -14.83
C TRP A 575 19.77 31.27 -14.24
N TYR A 576 20.61 30.57 -15.00
CA TYR A 576 21.98 30.29 -14.57
C TYR A 576 22.72 31.58 -14.23
N ASP A 577 22.56 32.61 -15.07
CA ASP A 577 23.28 33.86 -14.87
C ASP A 577 22.71 34.70 -13.74
N ALA A 578 21.48 34.42 -13.31
CA ALA A 578 20.88 35.19 -12.22
C ALA A 578 21.42 34.72 -10.88
N LYS A 579 22.74 34.65 -10.75
CA LYS A 579 23.40 34.32 -9.48
C LYS A 579 24.88 34.66 -9.55
N1 DOC B 9 15.43 23.52 0.38
C2 DOC B 9 15.05 22.86 1.47
N3 DOC B 9 15.81 21.89 1.99
C4 DOC B 9 17.00 21.55 1.43
C5 DOC B 9 17.42 22.22 0.27
C6 DOC B 9 16.60 23.23 -0.25
O2 DOC B 9 14.03 23.14 2.00
N4 DOC B 9 17.82 20.49 2.02
C1' DOC B 9 14.57 24.58 -0.19
C2' DOC B 9 14.85 25.96 0.53
C3' DOC B 9 15.66 26.73 -0.45
C4' DOC B 9 15.20 26.33 -1.62
O4' DOC B 9 14.84 24.77 -1.41
C5' DOC B 9 16.25 26.49 -2.71
O5' DOC B 9 17.35 25.68 -2.39
P DOC B 9 18.55 25.50 -3.55
OP1 DOC B 9 18.81 26.84 -4.22
OP2 DOC B 9 19.80 24.96 -2.92
N LYS D 1 8.66 -3.38 37.19
CA LYS D 1 7.48 -3.65 36.38
C LYS D 1 7.44 -5.12 35.95
N MET D 2 8.23 -5.46 34.94
CA MET D 2 8.27 -6.80 34.36
C MET D 2 9.63 -7.42 34.69
N ALA D 3 9.70 -8.12 35.81
CA ALA D 3 10.93 -8.76 36.26
C ALA D 3 10.90 -10.25 35.91
N PHE D 4 12.10 -10.80 35.67
CA PHE D 4 12.23 -12.19 35.29
C PHE D 4 13.66 -12.64 35.61
N THR D 5 13.88 -13.95 35.52
CA THR D 5 15.18 -14.55 35.77
C THR D 5 15.77 -15.01 34.43
N LEU D 6 16.94 -14.48 34.09
CA LEU D 6 17.70 -14.95 32.94
C LEU D 6 18.46 -16.19 33.39
N ALA D 7 17.83 -17.35 33.21
CA ALA D 7 18.32 -18.58 33.81
C ALA D 7 19.59 -19.08 33.12
N ASP D 8 20.51 -19.59 33.93
CA ASP D 8 21.69 -20.30 33.44
C ASP D 8 21.49 -21.80 33.38
N ARG D 9 20.46 -22.32 34.03
CA ARG D 9 20.18 -23.75 34.07
C ARG D 9 18.72 -23.95 34.44
N VAL D 10 18.24 -25.17 34.25
CA VAL D 10 16.84 -25.50 34.51
C VAL D 10 16.67 -25.81 36.00
N THR D 11 15.68 -25.18 36.63
CA THR D 11 15.32 -25.47 38.00
C THR D 11 13.93 -26.07 38.05
N GLU D 12 13.60 -26.70 39.18
CA GLU D 12 12.32 -27.40 39.31
C GLU D 12 11.16 -26.42 39.32
N GLU D 13 11.35 -25.21 39.84
CA GLU D 13 10.24 -24.26 39.86
C GLU D 13 9.90 -23.72 38.48
N MET D 14 10.74 -23.98 37.48
CA MET D 14 10.40 -23.70 36.09
C MET D 14 9.52 -24.78 35.47
N LEU D 15 9.34 -25.91 36.15
CA LEU D 15 8.64 -27.06 35.59
C LEU D 15 7.30 -27.30 36.26
N ALA D 16 6.58 -26.22 36.60
CA ALA D 16 5.25 -26.35 37.17
C ALA D 16 4.31 -26.99 36.13
N ASP D 17 3.17 -27.49 36.61
CA ASP D 17 2.23 -28.20 35.76
C ASP D 17 1.24 -27.27 35.06
N LYS D 18 1.46 -25.95 35.13
CA LYS D 18 0.66 -25.01 34.37
C LYS D 18 1.54 -23.79 34.09
N ALA D 19 1.73 -23.48 32.82
CA ALA D 19 2.67 -22.42 32.47
C ALA D 19 2.33 -21.85 31.10
N ALA D 20 2.70 -20.59 30.90
CA ALA D 20 2.75 -20.00 29.57
C ALA D 20 4.15 -20.24 29.00
N LEU D 21 4.19 -20.77 27.77
CA LEU D 21 5.43 -21.23 27.17
C LEU D 21 5.63 -20.51 25.83
N VAL D 22 6.83 -19.97 25.64
CA VAL D 22 7.23 -19.35 24.38
C VAL D 22 8.47 -20.08 23.89
N VAL D 23 8.35 -20.69 22.71
CA VAL D 23 9.47 -21.31 22.01
C VAL D 23 9.62 -20.54 20.71
N GLU D 24 10.51 -19.54 20.71
CA GLU D 24 10.53 -18.54 19.64
C GLU D 24 11.21 -19.09 18.40
N VAL D 25 10.51 -19.02 17.27
CA VAL D 25 11.05 -19.34 15.96
C VAL D 25 10.78 -18.14 15.08
N VAL D 26 11.84 -17.41 14.72
CA VAL D 26 11.67 -16.15 13.99
C VAL D 26 11.50 -16.39 12.50
N GLU D 27 12.11 -17.45 11.96
CA GLU D 27 11.99 -17.72 10.53
C GLU D 27 10.54 -18.00 10.16
N GLU D 28 10.07 -17.32 9.10
CA GLU D 28 8.69 -17.48 8.64
C GLU D 28 8.35 -18.95 8.39
N ASN D 29 9.25 -19.68 7.75
CA ASN D 29 9.09 -21.11 7.52
C ASN D 29 9.80 -21.83 8.66
N TYR D 30 9.01 -22.38 9.60
CA TYR D 30 9.60 -22.94 10.81
C TYR D 30 10.15 -24.35 10.62
N HIS D 31 10.12 -24.90 9.42
CA HIS D 31 10.67 -26.23 9.18
C HIS D 31 12.19 -26.18 9.26
N ASP D 32 12.76 -26.97 10.17
CA ASP D 32 14.21 -27.06 10.34
C ASP D 32 14.82 -25.68 10.63
N ALA D 33 14.05 -24.81 11.31
CA ALA D 33 14.44 -23.45 11.63
C ALA D 33 14.98 -23.37 13.06
N PRO D 34 15.90 -22.46 13.32
CA PRO D 34 16.48 -22.37 14.68
C PRO D 34 15.48 -21.84 15.69
N ILE D 35 15.62 -22.32 16.92
CA ILE D 35 14.90 -21.80 18.07
C ILE D 35 15.83 -20.81 18.77
N VAL D 36 15.41 -19.54 18.82
CA VAL D 36 16.31 -18.48 19.27
C VAL D 36 16.21 -18.17 20.76
N GLY D 37 15.20 -18.70 21.45
CA GLY D 37 15.03 -18.42 22.86
C GLY D 37 13.76 -19.04 23.37
N ILE D 38 13.70 -19.15 24.70
CA ILE D 38 12.60 -19.81 25.39
C ILE D 38 12.23 -18.97 26.60
N ALA D 39 10.93 -18.86 26.87
CA ALA D 39 10.41 -18.13 28.02
C ALA D 39 9.32 -18.96 28.69
N VAL D 40 9.31 -18.94 30.02
CA VAL D 40 8.35 -19.70 30.83
C VAL D 40 7.82 -18.79 31.93
N VAL D 41 6.50 -18.67 32.02
CA VAL D 41 5.84 -17.92 33.08
C VAL D 41 4.84 -18.86 33.77
N ASN D 42 4.98 -19.00 35.09
CA ASN D 42 4.09 -19.84 35.88
C ASN D 42 3.84 -19.15 37.21
N GLU D 43 3.26 -19.89 38.16
CA GLU D 43 2.97 -19.33 39.47
C GLU D 43 4.23 -18.96 40.24
N HIS D 44 5.37 -19.57 39.91
CA HIS D 44 6.60 -19.36 40.67
C HIS D 44 7.41 -18.19 40.16
N GLY D 45 7.27 -17.81 38.89
CA GLY D 45 7.98 -16.66 38.37
C GLY D 45 8.05 -16.69 36.86
N ARG D 46 8.83 -15.75 36.33
CA ARG D 46 9.08 -15.62 34.89
C ARG D 46 10.54 -15.96 34.61
N PHE D 47 10.76 -16.81 33.62
CA PHE D 47 12.09 -17.34 33.34
C PHE D 47 12.39 -17.29 31.85
N PHE D 48 13.62 -16.91 31.52
CA PHE D 48 14.15 -17.01 30.17
C PHE D 48 15.23 -18.08 30.13
N LEU D 49 15.20 -18.90 29.09
CA LEU D 49 16.12 -20.01 28.94
C LEU D 49 16.75 -19.98 27.54
N ARG D 50 18.08 -20.09 27.50
CA ARG D 50 18.75 -20.27 26.23
C ARG D 50 18.45 -21.67 25.70
N PRO D 51 18.17 -21.80 24.39
CA PRO D 51 17.76 -23.12 23.88
C PRO D 51 18.84 -24.18 23.97
N GLU D 52 20.12 -23.81 23.76
CA GLU D 52 21.19 -24.79 23.93
C GLU D 52 21.27 -25.25 25.38
N THR D 53 20.81 -24.43 26.31
CA THR D 53 20.74 -24.84 27.71
C THR D 53 19.54 -25.75 27.96
N ALA D 54 18.34 -25.30 27.57
CA ALA D 54 17.12 -25.97 27.97
C ALA D 54 16.86 -27.24 27.16
N LEU D 55 17.16 -27.23 25.86
CA LEU D 55 16.80 -28.36 25.01
C LEU D 55 17.76 -29.54 25.11
N ALA D 56 18.89 -29.36 25.79
CA ALA D 56 19.77 -30.48 26.12
C ALA D 56 19.62 -30.91 27.58
N ASP D 57 18.74 -30.25 28.34
CA ASP D 57 18.48 -30.63 29.73
C ASP D 57 17.42 -31.71 29.76
N PRO D 58 17.70 -32.90 30.33
CA PRO D 58 16.72 -33.99 30.23
C PRO D 58 15.46 -33.75 31.03
N GLN D 59 15.53 -32.97 32.11
CA GLN D 59 14.31 -32.66 32.85
C GLN D 59 13.41 -31.72 32.07
N PHE D 60 14.00 -30.74 31.37
CA PHE D 60 13.19 -29.82 30.57
C PHE D 60 12.56 -30.54 29.38
N VAL D 61 13.32 -31.43 28.74
CA VAL D 61 12.76 -32.23 27.64
C VAL D 61 11.61 -33.10 28.14
N ALA D 62 11.79 -33.72 29.30
CA ALA D 62 10.71 -34.52 29.90
C ALA D 62 9.50 -33.65 30.20
N TRP D 63 9.72 -32.42 30.68
CA TRP D 63 8.61 -31.51 30.94
C TRP D 63 7.90 -31.14 29.65
N LEU D 64 8.65 -30.84 28.60
CA LEU D 64 8.05 -30.52 27.30
C LEU D 64 7.18 -31.66 26.80
N GLY D 65 7.65 -32.90 26.98
CA GLY D 65 6.90 -34.05 26.54
C GLY D 65 5.85 -34.56 27.50
N ASP D 66 5.69 -33.93 28.66
CA ASP D 66 4.73 -34.39 29.66
C ASP D 66 3.35 -33.83 29.32
N GLU D 67 2.45 -34.73 28.91
CA GLU D 67 1.07 -34.37 28.58
C GLU D 67 0.33 -33.76 29.76
N THR D 68 0.79 -33.98 30.99
CA THR D 68 0.09 -33.50 32.17
C THR D 68 0.53 -32.10 32.61
N LYS D 69 1.67 -31.62 32.13
CA LYS D 69 2.10 -30.25 32.37
C LYS D 69 1.47 -29.37 31.30
N LYS D 70 0.53 -28.52 31.69
CA LYS D 70 -0.26 -27.76 30.73
C LYS D 70 0.47 -26.49 30.32
N LYS D 71 0.55 -26.27 29.01
CA LYS D 71 1.18 -25.07 28.46
C LYS D 71 0.14 -24.23 27.70
N SER D 72 0.22 -22.92 27.89
CA SER D 72 -0.50 -21.96 27.07
C SER D 72 0.50 -21.29 26.14
N MET D 73 0.17 -21.26 24.84
CA MET D 73 1.10 -20.78 23.84
C MET D 73 0.38 -19.92 22.81
N PHE D 74 1.19 -19.28 21.96
CA PHE D 74 0.73 -18.63 20.75
C PHE D 74 1.38 -19.34 19.57
N ASP D 75 0.55 -19.90 18.68
CA ASP D 75 1.02 -20.67 17.53
C ASP D 75 1.85 -21.88 17.98
N SER D 76 1.14 -22.80 18.63
CA SER D 76 1.80 -23.99 19.18
C SER D 76 2.28 -24.94 18.09
N LYS D 77 1.60 -24.95 16.94
CA LYS D 77 2.07 -25.80 15.83
C LYS D 77 3.46 -25.37 15.37
N ARG D 78 3.70 -24.06 15.40
CA ARG D 78 5.02 -23.49 15.00
C ARG D 78 6.10 -24.02 15.93
N ALA D 79 5.82 -24.08 17.24
CA ALA D 79 6.79 -24.57 18.22
C ALA D 79 6.88 -26.10 18.16
N ALA D 80 5.75 -26.78 17.99
CA ALA D 80 5.75 -28.24 17.98
C ALA D 80 6.54 -28.79 16.80
N VAL D 81 6.42 -28.16 15.63
CA VAL D 81 7.14 -28.65 14.46
C VAL D 81 8.62 -28.32 14.56
N ALA D 82 8.95 -27.10 15.00
CA ALA D 82 10.35 -26.73 15.17
C ALA D 82 11.05 -27.61 16.19
N LEU D 83 10.32 -28.05 17.22
CA LEU D 83 10.87 -29.00 18.18
C LEU D 83 10.98 -30.41 17.60
N LYS D 84 10.06 -30.79 16.70
CA LYS D 84 10.20 -32.07 16.00
C LYS D 84 11.49 -32.11 15.20
N TRP D 85 11.81 -31.03 14.49
CA TRP D 85 13.07 -30.95 13.77
C TRP D 85 14.28 -30.98 14.70
N LYS D 86 14.10 -30.65 15.98
CA LYS D 86 15.14 -30.78 16.98
C LYS D 86 15.04 -32.08 17.77
N GLY D 87 14.23 -33.03 17.29
CA GLY D 87 14.10 -34.31 17.94
C GLY D 87 13.43 -34.29 19.30
N ILE D 88 12.53 -33.34 19.54
CA ILE D 88 11.89 -33.17 20.84
C ILE D 88 10.37 -33.13 20.64
N GLU D 89 9.65 -33.85 21.49
CA GLU D 89 8.20 -33.94 21.41
C GLU D 89 7.55 -32.94 22.36
N LEU D 90 6.60 -32.16 21.86
CA LEU D 90 5.85 -31.20 22.66
C LEU D 90 4.46 -31.72 22.93
N CYS D 91 4.06 -31.72 24.21
CA CYS D 91 2.75 -32.20 24.61
C CYS D 91 2.18 -31.27 25.69
N GLY D 92 0.89 -31.42 25.94
CA GLY D 92 0.25 -30.69 27.02
C GLY D 92 -0.16 -29.27 26.70
N VAL D 93 -0.22 -28.91 25.42
CA VAL D 93 -0.67 -27.58 25.04
C VAL D 93 -2.19 -27.53 25.21
N SER D 94 -2.66 -26.71 26.17
CA SER D 94 -4.07 -26.65 26.50
C SER D 94 -4.76 -25.42 25.94
N PHE D 95 -4.01 -24.38 25.58
CA PHE D 95 -4.61 -23.15 25.07
C PHE D 95 -3.67 -22.53 24.04
N ASP D 96 -4.21 -22.23 22.86
CA ASP D 96 -3.46 -21.57 21.79
C ASP D 96 -4.08 -20.21 21.54
N LEU D 97 -3.35 -19.15 21.91
CA LEU D 97 -3.88 -17.79 21.80
C LEU D 97 -4.09 -17.37 20.36
N LEU D 98 -3.27 -17.88 19.43
CA LEU D 98 -3.48 -17.58 18.01
C LEU D 98 -4.80 -18.13 17.52
N LEU D 99 -5.06 -19.41 17.82
CA LEU D 99 -6.32 -20.02 17.38
C LEU D 99 -7.52 -19.41 18.09
N ALA D 100 -7.35 -19.00 19.36
CA ALA D 100 -8.42 -18.33 20.08
C ALA D 100 -8.77 -16.99 19.44
N ALA D 101 -7.75 -16.18 19.14
CA ALA D 101 -8.01 -14.90 18.50
C ALA D 101 -8.59 -15.08 17.10
N TYR D 102 -8.13 -16.11 16.39
CA TYR D 102 -8.64 -16.39 15.06
C TYR D 102 -10.14 -16.66 15.07
N LEU D 103 -10.62 -17.43 16.05
CA LEU D 103 -12.04 -17.73 16.12
C LEU D 103 -12.86 -16.49 16.48
N LEU D 104 -12.35 -15.66 17.39
CA LEU D 104 -13.11 -14.49 17.81
C LEU D 104 -13.32 -13.52 16.65
N ASP D 105 -12.32 -13.35 15.80
CA ASP D 105 -12.44 -12.48 14.63
C ASP D 105 -11.32 -12.77 13.65
N PRO D 106 -11.58 -13.52 12.58
CA PRO D 106 -10.54 -13.75 11.56
C PRO D 106 -10.11 -12.48 10.84
N ALA D 107 -10.95 -11.45 10.81
CA ALA D 107 -10.63 -10.23 10.09
C ALA D 107 -9.54 -9.42 10.78
N GLN D 108 -9.22 -9.71 12.04
CA GLN D 108 -8.17 -8.97 12.73
C GLN D 108 -6.78 -9.25 12.15
N GLY D 109 -6.61 -10.36 11.44
CA GLY D 109 -5.29 -10.72 10.95
C GLY D 109 -4.27 -10.92 12.04
N VAL D 110 -4.69 -11.46 13.18
CA VAL D 110 -3.78 -11.64 14.32
C VAL D 110 -2.66 -12.59 13.92
N ASP D 111 -1.42 -12.09 13.97
CA ASP D 111 -0.26 -12.91 13.64
C ASP D 111 0.86 -12.86 14.68
N ASP D 112 0.69 -12.10 15.75
CA ASP D 112 1.62 -12.17 16.87
C ASP D 112 0.88 -11.84 18.15
N VAL D 113 1.57 -12.01 19.28
CA VAL D 113 0.94 -11.88 20.59
C VAL D 113 0.41 -10.46 20.80
N ALA D 114 1.18 -9.45 20.37
CA ALA D 114 0.76 -8.07 20.55
C ALA D 114 -0.56 -7.80 19.84
N ALA D 115 -0.73 -8.34 18.63
CA ALA D 115 -1.98 -8.16 17.91
C ALA D 115 -3.16 -8.77 18.68
N ALA D 116 -2.95 -9.97 19.24
CA ALA D 116 -4.00 -10.58 20.05
C ALA D 116 -4.21 -9.85 21.36
N ALA D 117 -3.13 -9.29 21.94
CA ALA D 117 -3.26 -8.52 23.17
C ALA D 117 -4.05 -7.24 22.95
N LYS D 118 -4.01 -6.69 21.72
CA LYS D 118 -4.79 -5.50 21.42
C LYS D 118 -6.28 -5.74 21.59
N MET D 119 -6.74 -6.98 21.35
CA MET D 119 -8.17 -7.28 21.44
C MET D 119 -8.72 -7.18 22.86
N LYS D 120 -7.84 -7.14 23.87
CA LYS D 120 -8.27 -6.99 25.26
C LYS D 120 -7.61 -5.79 25.93
N GLN D 121 -7.14 -4.82 25.15
CA GLN D 121 -6.52 -3.60 25.65
C GLN D 121 -5.26 -3.88 26.48
N TYR D 122 -4.64 -5.04 26.26
CA TYR D 122 -3.38 -5.36 26.91
C TYR D 122 -2.24 -4.73 26.12
N GLU D 123 -1.41 -3.95 26.79
CA GLU D 123 -0.43 -3.11 26.12
C GLU D 123 1.02 -3.44 26.48
N ALA D 124 1.27 -4.27 27.49
CA ALA D 124 2.62 -4.46 28.00
C ALA D 124 3.44 -5.45 27.17
N VAL D 125 3.22 -5.48 25.86
CA VAL D 125 3.98 -6.35 24.97
C VAL D 125 4.11 -5.67 23.62
N ARG D 126 5.31 -5.74 23.05
CA ARG D 126 5.64 -5.13 21.77
C ARG D 126 5.31 -6.07 20.63
N PRO D 127 5.07 -5.53 19.43
CA PRO D 127 4.95 -6.38 18.24
C PRO D 127 6.29 -7.01 17.90
N ASP D 128 6.23 -8.21 17.31
CA ASP D 128 7.46 -8.88 16.90
C ASP D 128 8.23 -8.05 15.88
N GLU D 129 7.52 -7.29 15.04
CA GLU D 129 8.18 -6.47 14.03
C GLU D 129 9.02 -5.37 14.68
N ALA D 130 8.51 -4.76 15.75
CA ALA D 130 9.25 -3.73 16.46
C ALA D 130 10.49 -4.28 17.16
N VAL D 131 10.53 -5.58 17.45
CA VAL D 131 11.67 -6.17 18.12
C VAL D 131 12.67 -6.75 17.13
N TYR D 132 12.19 -7.37 16.05
CA TYR D 132 13.07 -8.08 15.12
C TYR D 132 13.39 -7.28 13.86
N GLY D 133 12.52 -6.38 13.44
CA GLY D 133 12.77 -5.59 12.25
C GLY D 133 12.05 -6.12 11.02
N LYS D 134 12.27 -5.43 9.91
CA LYS D 134 11.56 -5.70 8.66
C LYS D 134 12.55 -6.06 7.55
N GLY D 135 12.20 -7.08 6.77
CA GLY D 135 12.95 -7.37 5.56
C GLY D 135 14.39 -7.75 5.84
N ALA D 136 15.30 -7.18 5.05
CA ALA D 136 16.73 -7.46 5.21
C ALA D 136 17.31 -6.90 6.49
N LYS D 137 16.57 -6.05 7.21
CA LYS D 137 16.99 -5.57 8.50
C LYS D 137 16.67 -6.53 9.63
N ARG D 138 15.93 -7.61 9.35
CA ARG D 138 15.44 -8.48 10.40
C ARG D 138 16.59 -9.22 11.06
N ALA D 139 16.71 -9.08 12.38
CA ALA D 139 17.77 -9.73 13.13
C ALA D 139 17.30 -10.00 14.55
N VAL D 140 17.89 -11.00 15.17
CA VAL D 140 17.62 -11.29 16.57
C VAL D 140 18.42 -10.30 17.41
N PRO D 141 17.78 -9.53 18.29
CA PRO D 141 18.54 -8.60 19.14
C PRO D 141 19.37 -9.37 20.16
N ASP D 142 20.20 -8.67 20.93
CA ASP D 142 20.99 -9.40 21.89
C ASP D 142 20.14 -9.83 23.08
N GLU D 143 20.72 -10.71 23.91
CA GLU D 143 19.96 -11.48 24.90
C GLU D 143 19.04 -10.64 25.79
N PRO D 144 19.49 -9.54 26.41
CA PRO D 144 18.57 -8.81 27.31
C PRO D 144 17.31 -8.32 26.61
N VAL D 145 17.43 -7.81 25.38
CA VAL D 145 16.26 -7.36 24.64
C VAL D 145 15.39 -8.56 24.25
N LEU D 146 16.00 -9.60 23.68
CA LEU D 146 15.25 -10.79 23.30
C LEU D 146 14.57 -11.43 24.50
N ALA D 147 15.28 -11.52 25.64
CA ALA D 147 14.72 -12.19 26.81
C ALA D 147 13.49 -11.46 27.33
N GLU D 148 13.53 -10.13 27.38
CA GLU D 148 12.39 -9.37 27.88
C GLU D 148 11.20 -9.51 26.94
N HIS D 149 11.46 -9.55 25.63
CA HIS D 149 10.36 -9.69 24.67
C HIS D 149 9.64 -11.03 24.84
N LEU D 150 10.41 -12.12 24.90
CA LEU D 150 9.80 -13.44 25.05
C LEU D 150 9.09 -13.56 26.39
N VAL D 151 9.69 -13.03 27.46
CA VAL D 151 9.02 -13.04 28.76
C VAL D 151 7.73 -12.24 28.71
N ARG D 152 7.76 -11.08 28.05
CA ARG D 152 6.53 -10.28 27.93
C ARG D 152 5.48 -10.98 27.08
N LYS D 153 5.91 -11.76 26.07
CA LYS D 153 4.95 -12.54 25.31
C LYS D 153 4.36 -13.66 26.16
N ALA D 154 5.19 -14.33 26.96
CA ALA D 154 4.68 -15.37 27.85
C ALA D 154 3.81 -14.78 28.95
N ALA D 155 4.20 -13.62 29.50
CA ALA D 155 3.37 -12.96 30.50
C ALA D 155 2.03 -12.54 29.91
N ALA D 156 2.01 -12.13 28.65
CA ALA D 156 0.76 -11.73 28.01
C ALA D 156 -0.15 -12.94 27.82
N ILE D 157 0.38 -14.04 27.31
CA ILE D 157 -0.39 -15.27 27.16
C ILE D 157 -0.95 -15.70 28.52
N TRP D 158 -0.14 -15.56 29.56
CA TRP D 158 -0.57 -15.96 30.91
C TRP D 158 -1.78 -15.16 31.36
N GLU D 159 -1.81 -13.86 31.04
CA GLU D 159 -2.88 -12.97 31.48
C GLU D 159 -4.07 -12.95 30.53
N LEU D 160 -3.86 -13.27 29.25
CA LEU D 160 -4.93 -13.19 28.26
C LEU D 160 -5.73 -14.47 28.12
N GLU D 161 -5.33 -15.55 28.80
CA GLU D 161 -5.99 -16.84 28.58
C GLU D 161 -7.47 -16.78 28.96
N ARG D 162 -7.75 -16.49 30.23
CA ARG D 162 -9.14 -16.55 30.70
C ARG D 162 -10.02 -15.48 30.04
N PRO D 163 -9.55 -14.25 29.82
CA PRO D 163 -10.38 -13.30 29.04
C PRO D 163 -10.72 -13.80 27.65
N PHE D 164 -9.78 -14.46 26.97
CA PHE D 164 -10.08 -15.01 25.65
C PHE D 164 -11.00 -16.22 25.76
N LEU D 165 -10.80 -17.05 26.79
CA LEU D 165 -11.68 -18.20 27.00
C LEU D 165 -13.10 -17.76 27.38
N ASP D 166 -13.23 -16.61 28.04
CA ASP D 166 -14.55 -16.15 28.46
C ASP D 166 -15.34 -15.61 27.27
N GLU D 167 -14.70 -14.88 26.37
CA GLU D 167 -15.42 -14.41 25.18
C GLU D 167 -15.76 -15.56 24.25
N LEU D 168 -14.88 -16.57 24.16
CA LEU D 168 -15.20 -17.75 23.37
C LEU D 168 -16.40 -18.50 23.96
N ARG D 169 -16.46 -18.60 25.29
CA ARG D 169 -17.59 -19.27 25.93
C ARG D 169 -18.89 -18.52 25.67
N ARG D 170 -18.84 -17.19 25.63
CA ARG D 170 -20.04 -16.41 25.30
C ARG D 170 -20.43 -16.56 23.84
N ASN D 171 -19.46 -16.76 22.96
CA ASN D 171 -19.72 -16.92 21.53
C ASN D 171 -20.10 -18.35 21.15
N GLU D 172 -20.21 -19.26 22.12
CA GLU D 172 -20.41 -20.68 21.85
C GLU D 172 -19.28 -21.24 20.98
N GLN D 173 -18.07 -20.75 21.21
CA GLN D 173 -16.89 -21.16 20.45
C GLN D 173 -15.83 -21.83 21.32
N ASP D 174 -16.09 -22.02 22.61
CA ASP D 174 -15.09 -22.60 23.50
C ASP D 174 -14.76 -24.04 23.10
N ARG D 175 -15.78 -24.82 22.74
CA ARG D 175 -15.53 -26.19 22.29
C ARG D 175 -14.94 -26.21 20.88
N LEU D 176 -15.29 -25.21 20.06
CA LEU D 176 -14.67 -25.09 18.74
C LEU D 176 -13.16 -24.97 18.86
N LEU D 177 -12.68 -24.23 19.86
CA LEU D 177 -11.24 -24.13 20.09
C LEU D 177 -10.68 -25.40 20.69
N VAL D 178 -11.27 -25.87 21.79
CA VAL D 178 -10.65 -26.91 22.60
C VAL D 178 -10.80 -28.30 21.96
N GLU D 179 -11.90 -28.55 21.26
CA GLU D 179 -12.17 -29.88 20.74
C GLU D 179 -12.00 -30.01 19.23
N LEU D 180 -11.80 -28.91 18.50
CA LEU D 180 -11.61 -29.00 17.06
C LEU D 180 -10.29 -28.37 16.63
N GLU D 181 -10.11 -27.06 16.75
CA GLU D 181 -8.93 -26.41 16.18
C GLU D 181 -7.65 -26.86 16.87
N GLN D 182 -7.66 -26.97 18.20
CA GLN D 182 -6.44 -27.32 18.91
C GLN D 182 -6.08 -28.80 18.70
N PRO D 183 -7.03 -29.74 18.70
CA PRO D 183 -6.68 -31.10 18.28
C PRO D 183 -6.23 -31.18 16.83
N LEU D 184 -6.87 -30.41 15.94
CA LEU D 184 -6.45 -30.42 14.54
C LEU D 184 -5.04 -29.88 14.37
N SER D 185 -4.64 -28.93 15.23
CA SER D 185 -3.30 -28.34 15.13
C SER D 185 -2.22 -29.40 15.27
N SER D 186 -2.43 -30.37 16.17
CA SER D 186 -1.44 -31.44 16.35
C SER D 186 -1.44 -32.40 15.17
N ILE D 187 -2.60 -32.63 14.56
CA ILE D 187 -2.67 -33.45 13.35
C ILE D 187 -1.93 -32.75 12.20
N LEU D 188 -2.16 -31.45 12.04
CA LEU D 188 -1.47 -30.70 11.01
C LEU D 188 0.04 -30.71 11.24
N ALA D 189 0.47 -30.59 12.50
CA ALA D 189 1.88 -30.63 12.81
C ALA D 189 2.50 -31.97 12.40
N GLU D 190 1.79 -33.07 12.65
CA GLU D 190 2.26 -34.39 12.23
C GLU D 190 2.32 -34.49 10.71
N MET D 191 1.33 -33.93 10.01
CA MET D 191 1.32 -33.97 8.56
C MET D 191 2.46 -33.16 7.98
N GLU D 192 2.70 -31.96 8.51
CA GLU D 192 3.76 -31.11 7.98
C GLU D 192 5.13 -31.75 8.19
N PHE D 193 5.34 -32.38 9.34
CA PHE D 193 6.63 -32.97 9.63
C PHE D 193 6.87 -34.22 8.80
N ALA D 194 5.81 -35.00 8.54
CA ALA D 194 5.95 -36.21 7.73
C ALA D 194 6.37 -35.86 6.30
N GLY D 195 5.76 -34.85 5.72
CA GLY D 195 6.10 -34.43 4.37
C GLY D 195 5.55 -35.37 3.32
N VAL D 196 5.83 -35.04 2.06
CA VAL D 196 5.41 -35.85 0.91
C VAL D 196 6.63 -36.13 0.05
N LYS D 197 6.86 -37.40 -0.27
CA LYS D 197 8.02 -37.78 -1.07
C LYS D 197 7.82 -37.37 -2.52
N VAL D 198 8.89 -36.90 -3.16
CA VAL D 198 8.87 -36.40 -4.53
C VAL D 198 9.81 -37.25 -5.38
N ASP D 199 9.36 -37.61 -6.57
CA ASP D 199 10.18 -38.30 -7.57
C ASP D 199 10.89 -37.24 -8.40
N THR D 200 12.08 -36.84 -7.94
CA THR D 200 12.76 -35.72 -8.58
C THR D 200 13.26 -36.07 -9.98
N LYS D 201 13.70 -37.32 -10.18
CA LYS D 201 14.14 -37.74 -11.51
C LYS D 201 13.03 -37.56 -12.54
N ARG D 202 11.81 -38.02 -12.19
CA ARG D 202 10.69 -37.86 -13.10
C ARG D 202 10.33 -36.38 -13.26
N LEU D 203 10.38 -35.63 -12.16
CA LEU D 203 10.04 -34.21 -12.22
C LEU D 203 11.04 -33.44 -13.08
N GLU D 204 12.35 -33.74 -12.93
CA GLU D 204 13.34 -33.04 -13.73
C GLU D 204 13.27 -33.43 -15.20
N GLN D 205 12.88 -34.67 -15.49
CA GLN D 205 12.73 -35.08 -16.89
C GLN D 205 11.53 -34.39 -17.53
N MET D 206 10.46 -34.19 -16.76
CA MET D 206 9.33 -33.40 -17.25
C MET D 206 9.75 -31.97 -17.55
N GLY D 207 10.54 -31.37 -16.66
CA GLY D 207 10.98 -30.01 -16.89
C GLY D 207 11.88 -29.87 -18.11
N LYS D 208 12.73 -30.88 -18.36
CA LYS D 208 13.57 -30.86 -19.55
C LYS D 208 12.72 -30.87 -20.82
N GLU D 209 11.77 -31.81 -20.90
CA GLU D 209 10.89 -31.86 -22.06
C GLU D 209 10.00 -30.62 -22.16
N LEU D 210 9.59 -30.07 -21.01
CA LEU D 210 8.72 -28.91 -21.01
C LEU D 210 9.44 -27.68 -21.57
N ALA D 211 10.71 -27.50 -21.22
CA ALA D 211 11.46 -26.34 -21.71
C ALA D 211 11.61 -26.39 -23.22
N GLU D 212 11.68 -27.58 -23.81
CA GLU D 212 11.81 -27.69 -25.26
C GLU D 212 10.52 -27.31 -25.96
N GLN D 213 9.38 -27.81 -25.46
CA GLN D 213 8.10 -27.40 -26.02
C GLN D 213 7.85 -25.92 -25.79
N LEU D 214 8.30 -25.39 -24.64
CA LEU D 214 8.15 -23.96 -24.36
C LEU D 214 8.84 -23.12 -25.43
N GLY D 215 10.09 -23.48 -25.76
CA GLY D 215 10.80 -22.74 -26.80
C GLY D 215 10.16 -22.85 -28.16
N THR D 216 9.54 -24.00 -28.45
CA THR D 216 8.84 -24.17 -29.72
C THR D 216 7.64 -23.24 -29.82
N VAL D 217 6.78 -23.25 -28.79
CA VAL D 217 5.62 -22.36 -28.80
C VAL D 217 6.06 -20.91 -28.78
N GLU D 218 7.14 -20.62 -28.04
CA GLU D 218 7.64 -19.25 -27.95
C GLU D 218 8.05 -18.72 -29.33
N GLN D 219 8.79 -19.53 -30.09
CA GLN D 219 9.18 -19.12 -31.43
C GLN D 219 7.97 -19.02 -32.36
N ARG D 220 7.01 -19.95 -32.21
CA ARG D 220 5.80 -19.90 -33.00
C ARG D 220 5.01 -18.61 -32.72
N ILE D 221 5.08 -18.11 -31.49
CA ILE D 221 4.40 -16.86 -31.16
C ILE D 221 5.12 -15.67 -31.80
N TYR D 222 6.46 -15.65 -31.72
CA TYR D 222 7.22 -14.56 -32.32
C TYR D 222 6.97 -14.46 -33.82
N GLU D 223 6.82 -15.61 -34.49
CA GLU D 223 6.51 -15.61 -35.91
C GLU D 223 5.18 -14.95 -36.20
N LEU D 224 4.12 -15.39 -35.50
CA LEU D 224 2.77 -14.87 -35.76
C LEU D 224 2.65 -13.40 -35.40
N ALA D 225 3.47 -12.89 -34.49
CA ALA D 225 3.48 -11.47 -34.19
C ALA D 225 4.43 -10.69 -35.08
N GLY D 226 5.19 -11.37 -35.93
CA GLY D 226 6.15 -10.74 -36.81
C GLY D 226 7.37 -10.17 -36.12
N GLN D 227 7.50 -10.31 -34.81
CA GLN D 227 8.60 -9.70 -34.08
C GLN D 227 8.78 -10.46 -32.76
N GLU D 228 9.49 -9.84 -31.83
CA GLU D 228 9.87 -10.46 -30.57
C GLU D 228 9.49 -9.55 -29.41
N PHE D 229 9.12 -10.16 -28.29
CA PHE D 229 8.67 -9.40 -27.12
C PHE D 229 8.55 -10.34 -25.94
N ASN D 230 8.52 -9.75 -24.75
CA ASN D 230 8.20 -10.49 -23.53
C ASN D 230 6.72 -10.83 -23.52
N ILE D 231 6.41 -12.09 -23.25
CA ILE D 231 5.04 -12.59 -23.37
C ILE D 231 4.32 -12.62 -22.03
N ASN D 232 5.01 -13.02 -20.96
CA ASN D 232 4.40 -12.98 -19.63
C ASN D 232 4.11 -11.56 -19.17
N SER D 233 4.67 -10.56 -19.85
CA SER D 233 4.45 -9.17 -19.47
C SER D 233 3.07 -8.73 -19.93
N PRO D 234 2.18 -8.30 -19.03
CA PRO D 234 0.89 -7.76 -19.46
C PRO D 234 1.00 -6.43 -20.19
N LYS D 235 2.20 -5.83 -20.21
CA LYS D 235 2.39 -4.50 -20.80
C LYS D 235 2.27 -4.55 -22.32
N GLN D 236 3.39 -4.79 -23.01
CA GLN D 236 3.39 -4.69 -24.47
C GLN D 236 2.83 -5.94 -25.14
N LEU D 237 2.41 -6.94 -24.38
CA LEU D 237 1.57 -7.99 -24.97
C LEU D 237 0.27 -7.42 -25.49
N GLY D 238 -0.31 -6.46 -24.76
CA GLY D 238 -1.50 -5.79 -25.26
C GLY D 238 -1.22 -4.94 -26.47
N VAL D 239 0.00 -4.39 -26.58
CA VAL D 239 0.38 -3.65 -27.77
C VAL D 239 0.41 -4.57 -28.98
N ILE D 240 0.90 -5.80 -28.81
CA ILE D 240 0.90 -6.77 -29.90
C ILE D 240 -0.52 -7.11 -30.30
N LEU D 241 -1.40 -7.32 -29.32
CA LEU D 241 -2.74 -7.81 -29.61
C LEU D 241 -3.67 -6.67 -30.05
N PHE D 242 -3.66 -5.56 -29.32
CA PHE D 242 -4.67 -4.52 -29.49
C PHE D 242 -4.16 -3.29 -30.23
N GLU D 243 -2.92 -3.31 -30.72
CA GLU D 243 -2.41 -2.18 -31.51
C GLU D 243 -1.78 -2.69 -32.80
N LYS D 244 -0.94 -3.72 -32.70
CA LYS D 244 -0.37 -4.34 -33.89
C LYS D 244 -1.42 -5.13 -34.66
N LEU D 245 -2.03 -6.11 -34.00
CA LEU D 245 -3.04 -6.95 -34.63
C LEU D 245 -4.44 -6.34 -34.59
N GLN D 246 -4.62 -5.26 -33.83
CA GLN D 246 -5.90 -4.52 -33.78
C GLN D 246 -7.06 -5.41 -33.38
N LEU D 247 -6.83 -6.30 -32.41
CA LEU D 247 -7.90 -7.11 -31.87
C LEU D 247 -8.81 -6.25 -31.00
N PRO D 248 -10.06 -6.67 -30.82
CA PRO D 248 -10.99 -5.88 -29.98
C PRO D 248 -10.53 -5.86 -28.53
N VAL D 249 -10.82 -4.74 -27.86
CA VAL D 249 -10.53 -4.59 -26.44
C VAL D 249 -11.80 -4.95 -25.68
N LEU D 250 -11.78 -6.13 -25.05
CA LEU D 250 -12.96 -6.65 -24.36
C LEU D 250 -12.98 -6.31 -22.87
N LYS D 251 -11.85 -5.90 -22.31
CA LYS D 251 -11.73 -5.73 -20.87
C LYS D 251 -10.45 -4.95 -20.57
N LYS D 252 -10.53 -4.05 -19.60
CA LYS D 252 -9.38 -3.26 -19.17
C LYS D 252 -9.09 -3.49 -17.70
N THR D 253 -7.83 -3.32 -17.33
CA THR D 253 -7.39 -3.33 -15.95
C THR D 253 -7.18 -1.90 -15.48
N LYS D 254 -6.79 -1.76 -14.21
CA LYS D 254 -6.44 -0.44 -13.69
C LYS D 254 -5.19 0.12 -14.35
N THR D 255 -4.37 -0.74 -14.95
CA THR D 255 -3.11 -0.33 -15.55
C THR D 255 -3.09 -0.37 -17.07
N GLY D 256 -3.99 -1.13 -17.70
CA GLY D 256 -4.04 -1.21 -19.14
C GLY D 256 -5.03 -2.24 -19.67
N TYR D 257 -4.77 -2.77 -20.87
CA TYR D 257 -5.63 -3.82 -21.41
C TYR D 257 -5.48 -5.09 -20.58
N SER D 258 -6.58 -5.83 -20.47
CA SER D 258 -6.55 -7.13 -19.82
C SER D 258 -6.21 -8.21 -20.85
N THR D 259 -5.41 -9.19 -20.43
CA THR D 259 -5.04 -10.32 -21.27
C THR D 259 -5.32 -11.64 -20.56
N SER D 260 -6.30 -11.65 -19.66
CA SER D 260 -6.64 -12.85 -18.93
C SER D 260 -7.21 -13.91 -19.87
N ALA D 261 -7.24 -15.16 -19.39
CA ALA D 261 -7.60 -16.28 -20.24
C ALA D 261 -9.02 -16.17 -20.76
N ASP D 262 -9.94 -15.56 -19.99
CA ASP D 262 -11.30 -15.40 -20.47
C ASP D 262 -11.36 -14.43 -21.65
N VAL D 263 -10.51 -13.41 -21.65
CA VAL D 263 -10.43 -12.51 -22.80
C VAL D 263 -9.77 -13.21 -23.98
N LEU D 264 -8.67 -13.93 -23.73
CA LEU D 264 -7.94 -14.59 -24.81
C LEU D 264 -8.80 -15.65 -25.49
N GLU D 265 -9.63 -16.36 -24.72
CA GLU D 265 -10.50 -17.36 -25.31
C GLU D 265 -11.57 -16.73 -26.20
N LYS D 266 -12.06 -15.55 -25.81
CA LYS D 266 -13.03 -14.84 -26.64
C LYS D 266 -12.39 -14.24 -27.89
N LEU D 267 -11.08 -14.07 -27.90
CA LEU D 267 -10.38 -13.54 -29.06
C LEU D 267 -9.86 -14.63 -30.00
N ALA D 268 -10.07 -15.89 -29.65
CA ALA D 268 -9.59 -16.98 -30.51
C ALA D 268 -10.13 -16.95 -31.93
N PRO D 269 -11.39 -16.57 -32.20
CA PRO D 269 -11.84 -16.50 -33.59
C PRO D 269 -11.12 -15.45 -34.44
N TYR D 270 -10.36 -14.54 -33.83
CA TYR D 270 -9.77 -13.43 -34.55
C TYR D 270 -8.35 -13.73 -35.05
N HIS D 271 -7.52 -14.35 -34.21
CA HIS D 271 -6.13 -14.59 -34.57
C HIS D 271 -5.67 -15.85 -33.86
N GLU D 272 -4.77 -16.59 -34.49
CA GLU D 272 -4.29 -17.83 -33.91
C GLU D 272 -3.10 -17.64 -32.98
N ILE D 273 -2.62 -16.40 -32.82
CA ILE D 273 -1.57 -16.15 -31.84
C ILE D 273 -2.11 -16.26 -30.42
N VAL D 274 -3.42 -16.06 -30.23
CA VAL D 274 -3.94 -15.99 -28.87
C VAL D 274 -4.06 -17.38 -28.25
N GLU D 275 -4.31 -18.42 -29.07
CA GLU D 275 -4.35 -19.76 -28.51
C GLU D 275 -2.93 -20.30 -28.30
N ASN D 276 -1.97 -19.83 -29.09
CA ASN D 276 -0.56 -20.11 -28.81
C ASN D 276 -0.13 -19.45 -27.51
N ILE D 277 -0.54 -18.19 -27.30
CA ILE D 277 -0.21 -17.49 -26.05
C ILE D 277 -0.79 -18.23 -24.86
N LEU D 278 -2.03 -18.72 -24.97
CA LEU D 278 -2.61 -19.52 -23.90
C LEU D 278 -1.78 -20.78 -23.65
N HIS D 279 -1.34 -21.44 -24.72
CA HIS D 279 -0.52 -22.65 -24.56
C HIS D 279 0.83 -22.30 -23.93
N TYR D 280 1.43 -21.18 -24.32
CA TYR D 280 2.68 -20.74 -23.74
C TYR D 280 2.54 -20.50 -22.24
N ARG D 281 1.46 -19.83 -21.84
CA ARG D 281 1.26 -19.53 -20.42
C ARG D 281 1.09 -20.80 -19.61
N GLN D 282 0.29 -21.75 -20.12
CA GLN D 282 0.04 -22.97 -19.36
C GLN D 282 1.27 -23.84 -19.23
N LEU D 283 2.14 -23.84 -20.25
CA LEU D 283 3.43 -24.52 -20.12
C LEU D 283 4.33 -23.78 -19.14
N GLY D 284 4.41 -22.46 -19.27
CA GLY D 284 5.25 -21.68 -18.38
C GLY D 284 4.78 -21.71 -16.93
N LYS D 285 3.45 -21.78 -16.72
CA LYS D 285 2.92 -21.95 -15.37
C LYS D 285 3.42 -23.24 -14.74
N LEU D 286 3.43 -24.34 -15.52
CA LEU D 286 3.94 -25.60 -15.01
C LEU D 286 5.44 -25.52 -14.71
N GLN D 287 6.20 -24.91 -15.62
CA GLN D 287 7.65 -24.84 -15.44
C GLN D 287 8.01 -24.02 -14.21
N SER D 288 7.45 -22.82 -14.09
CA SER D 288 7.85 -21.91 -13.02
C SER D 288 7.32 -22.34 -11.67
N THR D 289 6.05 -22.74 -11.58
CA THR D 289 5.43 -22.98 -10.29
C THR D 289 5.50 -24.43 -9.85
N TYR D 290 5.26 -25.38 -10.75
CA TYR D 290 5.11 -26.77 -10.36
C TYR D 290 6.29 -27.66 -10.74
N ILE D 291 7.28 -27.14 -11.48
CA ILE D 291 8.50 -27.89 -11.72
C ILE D 291 9.63 -27.22 -10.96
N GLU D 292 10.02 -26.01 -11.38
CA GLU D 292 11.14 -25.31 -10.76
C GLU D 292 10.82 -24.89 -9.34
N GLY D 293 9.62 -24.34 -9.11
CA GLY D 293 9.26 -23.89 -7.78
C GLY D 293 9.18 -25.03 -6.78
N LEU D 294 8.71 -26.20 -7.24
CA LEU D 294 8.63 -27.36 -6.36
C LEU D 294 10.04 -27.90 -6.06
N LEU D 295 10.90 -27.98 -7.07
CA LEU D 295 12.25 -28.48 -6.86
C LEU D 295 13.04 -27.58 -5.91
N LYS D 296 12.73 -26.28 -5.89
CA LYS D 296 13.43 -25.35 -5.01
C LYS D 296 13.17 -25.64 -3.54
N VAL D 297 12.04 -26.23 -3.20
CA VAL D 297 11.67 -26.45 -1.80
C VAL D 297 11.76 -27.92 -1.40
N VAL D 298 12.21 -28.80 -2.29
CA VAL D 298 12.44 -30.20 -1.93
C VAL D 298 13.65 -30.28 -1.01
N ARG D 299 13.50 -30.99 0.11
CA ARG D 299 14.67 -31.26 0.95
C ARG D 299 15.50 -32.34 0.29
N PRO D 300 16.71 -32.01 -0.17
CA PRO D 300 17.44 -32.93 -1.05
C PRO D 300 17.78 -34.26 -0.41
N ALA D 301 18.09 -34.27 0.89
CA ALA D 301 18.55 -35.52 1.52
C ALA D 301 17.42 -36.55 1.60
N THR D 302 16.18 -36.11 1.67
CA THR D 302 15.03 -37.01 1.79
C THR D 302 14.07 -36.94 0.61
N LYS D 303 14.27 -36.01 -0.32
CA LYS D 303 13.36 -35.81 -1.46
C LYS D 303 11.92 -35.55 -1.01
N LYS D 304 11.74 -34.91 0.14
CA LYS D 304 10.42 -34.60 0.66
C LYS D 304 10.17 -33.10 0.66
N VAL D 305 8.90 -32.74 0.47
CA VAL D 305 8.44 -31.35 0.62
C VAL D 305 7.61 -31.25 1.89
N HIS D 306 7.82 -30.18 2.64
CA HIS D 306 7.15 -29.98 3.92
C HIS D 306 6.37 -28.67 3.85
N THR D 307 5.09 -28.77 3.48
CA THR D 307 4.25 -27.59 3.43
C THR D 307 3.93 -27.11 4.85
N ILE D 308 3.38 -25.91 4.94
CA ILE D 308 2.87 -25.35 6.17
C ILE D 308 1.39 -25.05 5.97
N PHE D 309 0.53 -25.70 6.74
CA PHE D 309 -0.91 -25.48 6.69
C PHE D 309 -1.23 -24.33 7.64
N ASN D 310 -1.43 -23.14 7.07
CA ASN D 310 -1.81 -21.97 7.86
C ASN D 310 -3.24 -22.15 8.35
N GLN D 311 -3.40 -22.32 9.66
CA GLN D 311 -4.69 -22.64 10.27
C GLN D 311 -5.44 -21.40 10.75
N ALA D 312 -4.79 -20.24 10.81
CA ALA D 312 -5.43 -19.02 11.33
C ALA D 312 -5.33 -17.89 10.32
N LEU D 313 -5.72 -18.16 9.08
CA LEU D 313 -5.55 -17.17 8.02
C LEU D 313 -6.85 -16.85 7.30
N THR D 314 -7.54 -17.86 6.76
CA THR D 314 -8.66 -17.61 5.88
C THR D 314 -9.85 -17.03 6.65
N GLN D 315 -10.64 -16.21 5.95
CA GLN D 315 -11.79 -15.57 6.57
C GLN D 315 -12.98 -16.50 6.72
N THR D 316 -12.93 -17.71 6.16
CA THR D 316 -14.04 -18.65 6.21
C THR D 316 -13.80 -19.84 7.11
N GLY D 317 -12.58 -20.02 7.61
CA GLY D 317 -12.23 -21.21 8.36
C GLY D 317 -11.54 -22.29 7.55
N ARG D 318 -11.29 -22.06 6.27
CA ARG D 318 -10.50 -22.98 5.49
C ARG D 318 -9.05 -22.96 5.94
N LEU D 319 -8.31 -24.01 5.58
CA LEU D 319 -6.87 -24.01 5.65
C LEU D 319 -6.29 -23.39 4.38
N SER D 320 -5.04 -22.93 4.48
CA SER D 320 -4.22 -22.63 3.31
C SER D 320 -2.90 -23.38 3.45
N SER D 321 -2.19 -23.48 2.33
CA SER D 321 -0.96 -24.27 2.24
C SER D 321 0.10 -23.44 1.56
N THR D 322 1.30 -23.36 2.16
CA THR D 322 2.35 -22.48 1.68
C THR D 322 3.70 -23.19 1.65
N GLU D 323 4.51 -22.82 0.66
CA GLU D 323 5.93 -23.17 0.51
C GLU D 323 6.21 -24.65 0.74
N PRO D 324 5.75 -25.54 -0.15
CA PRO D 324 4.95 -25.23 -1.34
C PRO D 324 3.44 -25.32 -1.06
N ASN D 325 2.63 -24.70 -1.92
CA ASN D 325 1.19 -24.87 -1.87
C ASN D 325 0.87 -26.23 -2.48
N LEU D 326 0.47 -27.18 -1.65
CA LEU D 326 0.09 -28.52 -2.10
C LEU D 326 -1.43 -28.65 -2.28
N GLN D 327 -2.15 -27.54 -2.22
CA GLN D 327 -3.59 -27.54 -2.44
C GLN D 327 -3.98 -27.03 -3.82
N ASN D 328 -3.02 -26.69 -4.68
CA ASN D 328 -3.37 -26.27 -6.04
C ASN D 328 -2.49 -26.97 -7.07
N ILE D 329 -2.18 -28.25 -6.82
CA ILE D 329 -1.44 -29.04 -7.82
C ILE D 329 -2.38 -29.37 -8.98
N PRO D 330 -1.98 -29.14 -10.23
CA PRO D 330 -2.91 -29.25 -11.36
C PRO D 330 -3.52 -30.64 -11.49
N ILE D 331 -4.71 -30.68 -12.09
CA ILE D 331 -5.44 -31.96 -12.25
C ILE D 331 -6.45 -31.90 -13.40
N ARG D 332 -6.90 -30.72 -13.76
CA ARG D 332 -8.03 -30.63 -14.70
C ARG D 332 -7.61 -30.87 -16.14
N LEU D 333 -6.40 -30.46 -16.53
CA LEU D 333 -5.87 -30.73 -17.85
C LEU D 333 -4.80 -31.81 -17.75
N GLU D 334 -4.89 -32.83 -18.61
CA GLU D 334 -3.95 -33.95 -18.56
C GLU D 334 -2.51 -33.49 -18.65
N GLU D 335 -2.26 -32.42 -19.43
CA GLU D 335 -0.92 -31.85 -19.52
C GLU D 335 -0.37 -31.52 -18.13
N GLY D 336 -1.11 -30.74 -17.35
CA GLY D 336 -0.68 -30.43 -16.00
C GLY D 336 -0.89 -31.54 -15.00
N ARG D 337 -1.85 -32.44 -15.26
CA ARG D 337 -2.16 -33.50 -14.31
C ARG D 337 -0.98 -34.42 -14.07
N LYS D 338 -0.11 -34.60 -15.07
CA LYS D 338 1.06 -35.45 -14.93
C LYS D 338 2.03 -34.97 -13.85
N ILE D 339 1.88 -33.73 -13.39
CA ILE D 339 2.68 -33.26 -12.25
C ILE D 339 2.51 -34.18 -11.05
N ARG D 340 1.28 -34.68 -10.85
CA ARG D 340 1.00 -35.54 -9.70
C ARG D 340 1.70 -36.89 -9.77
N GLN D 341 2.25 -37.26 -10.92
CA GLN D 341 3.08 -38.47 -10.99
C GLN D 341 4.35 -38.33 -10.16
N ALA D 342 4.80 -37.11 -9.91
CA ALA D 342 6.02 -36.88 -9.15
C ALA D 342 5.79 -36.96 -7.64
N PHE D 343 4.55 -37.08 -7.19
CA PHE D 343 4.23 -37.24 -5.77
C PHE D 343 4.01 -38.72 -5.50
N VAL D 344 4.91 -39.32 -4.73
CA VAL D 344 4.97 -40.77 -4.55
C VAL D 344 5.00 -41.08 -3.07
N PRO D 345 4.69 -42.32 -2.68
CA PRO D 345 4.77 -42.69 -1.26
C PRO D 345 6.17 -42.58 -0.70
N SER D 346 6.25 -42.48 0.62
CA SER D 346 7.53 -42.30 1.31
C SER D 346 8.27 -43.60 1.54
N GLU D 347 7.62 -44.76 1.33
CA GLU D 347 8.24 -46.06 1.51
C GLU D 347 7.94 -46.94 0.31
N SER D 348 8.83 -47.89 0.06
CA SER D 348 8.58 -48.87 -0.99
C SER D 348 7.38 -49.75 -0.61
N ASP D 349 6.57 -50.09 -1.61
CA ASP D 349 5.38 -50.91 -1.43
C ASP D 349 4.34 -50.22 -0.54
N TRP D 350 4.33 -48.89 -0.56
CA TRP D 350 3.23 -48.09 -0.04
C TRP D 350 2.44 -47.52 -1.20
N LEU D 351 1.22 -47.06 -0.91
CA LEU D 351 0.34 -46.50 -1.92
C LEU D 351 -0.28 -45.21 -1.40
N ILE D 352 -0.62 -44.33 -2.34
CA ILE D 352 -1.33 -43.08 -2.03
C ILE D 352 -2.83 -43.37 -2.09
N PHE D 353 -3.57 -42.83 -1.12
CA PHE D 353 -5.02 -43.00 -1.04
C PHE D 353 -5.67 -41.63 -0.94
N ALA D 354 -6.58 -41.34 -1.88
CA ALA D 354 -7.23 -40.04 -1.97
C ALA D 354 -8.74 -40.20 -1.87
N ALA D 355 -9.35 -39.47 -0.94
CA ALA D 355 -10.80 -39.48 -0.74
C ALA D 355 -11.32 -38.05 -0.78
N ASP D 356 -12.41 -37.84 -1.53
CA ASP D 356 -12.97 -36.51 -1.71
C ASP D 356 -14.47 -36.52 -1.45
N TYR D 357 -14.97 -35.43 -0.88
CA TYR D 357 -16.41 -35.22 -0.78
C TYR D 357 -16.98 -34.87 -2.14
N SER D 358 -18.21 -35.32 -2.39
CA SER D 358 -18.92 -35.06 -3.63
C SER D 358 -19.93 -33.94 -3.41
N GLN D 359 -19.62 -32.75 -3.93
CA GLN D 359 -20.52 -31.60 -3.90
C GLN D 359 -20.92 -31.23 -2.47
N ILE D 360 -19.93 -31.15 -1.58
CA ILE D 360 -20.22 -30.90 -0.16
C ILE D 360 -20.83 -29.52 0.02
N GLU D 361 -20.43 -28.54 -0.80
CA GLU D 361 -20.98 -27.19 -0.64
C GLU D 361 -22.45 -27.13 -1.02
N LEU D 362 -22.84 -27.87 -2.06
CA LEU D 362 -24.24 -27.88 -2.45
C LEU D 362 -25.09 -28.66 -1.45
N ARG D 363 -24.52 -29.70 -0.84
CA ARG D 363 -25.24 -30.45 0.19
C ARG D 363 -25.41 -29.62 1.45
N VAL D 364 -24.41 -28.81 1.80
CA VAL D 364 -24.55 -27.88 2.92
C VAL D 364 -25.61 -26.83 2.61
N LEU D 365 -25.64 -26.34 1.36
CA LEU D 365 -26.69 -25.40 0.97
C LEU D 365 -28.06 -26.05 1.10
N ALA D 366 -28.19 -27.32 0.71
CA ALA D 366 -29.46 -28.02 0.87
C ALA D 366 -29.85 -28.13 2.34
N HIS D 367 -28.87 -28.41 3.20
CA HIS D 367 -29.14 -28.54 4.63
C HIS D 367 -29.57 -27.22 5.24
N ILE D 368 -28.80 -26.16 4.99
CA ILE D 368 -29.06 -24.88 5.66
C ILE D 368 -30.31 -24.22 5.09
N ALA D 369 -30.51 -24.29 3.77
CA ALA D 369 -31.70 -23.69 3.18
C ALA D 369 -32.95 -24.53 3.43
N GLU D 370 -32.78 -25.80 3.82
CA GLU D 370 -33.89 -26.73 4.01
C GLU D 370 -34.83 -26.74 2.80
N ASP D 371 -34.23 -26.80 1.62
CA ASP D 371 -34.98 -26.77 0.37
C ASP D 371 -35.41 -28.19 0.02
N ASP D 372 -36.72 -28.45 0.11
CA ASP D 372 -37.24 -29.80 -0.14
C ASP D 372 -36.84 -30.30 -1.52
N ASN D 373 -36.98 -29.45 -2.54
CA ASN D 373 -36.63 -29.85 -3.89
C ASN D 373 -35.16 -30.23 -4.00
N LEU D 374 -34.29 -29.43 -3.38
CA LEU D 374 -32.86 -29.74 -3.42
C LEU D 374 -32.52 -30.92 -2.52
N MET D 375 -33.17 -31.02 -1.36
CA MET D 375 -32.88 -32.11 -0.44
C MET D 375 -33.29 -33.45 -1.02
N GLU D 376 -34.43 -33.50 -1.71
CA GLU D 376 -34.89 -34.76 -2.29
C GLU D 376 -33.89 -35.29 -3.32
N ALA D 377 -33.32 -34.39 -4.14
CA ALA D 377 -32.38 -34.82 -5.16
C ALA D 377 -31.15 -35.49 -4.54
N PHE D 378 -30.66 -34.96 -3.42
CA PHE D 378 -29.52 -35.56 -2.75
C PHE D 378 -29.90 -36.82 -1.98
N ARG D 379 -31.11 -36.87 -1.41
CA ARG D 379 -31.59 -38.10 -0.82
C ARG D 379 -31.72 -39.21 -1.85
N ARG D 380 -32.01 -38.84 -3.10
CA ARG D 380 -32.10 -39.76 -4.22
C ARG D 380 -30.77 -40.05 -4.88
N ASP D 381 -29.71 -39.30 -4.52
CA ASP D 381 -28.44 -39.29 -5.24
C ASP D 381 -28.66 -39.04 -6.74
N LEU D 382 -29.57 -38.12 -7.04
CA LEU D 382 -29.82 -37.70 -8.43
C LEU D 382 -28.73 -36.68 -8.79
N ASP D 383 -28.09 -36.83 -9.95
CA ASP D 383 -27.08 -35.89 -10.40
C ASP D 383 -27.56 -34.46 -10.24
N ILE D 384 -26.89 -33.70 -9.38
CA ILE D 384 -27.40 -32.39 -8.98
C ILE D 384 -27.36 -31.41 -10.15
N HIS D 385 -26.46 -31.62 -11.11
CA HIS D 385 -26.43 -30.75 -12.28
C HIS D 385 -27.49 -31.14 -13.30
N THR D 386 -27.81 -32.44 -13.40
CA THR D 386 -28.93 -32.87 -14.22
C THR D 386 -30.26 -32.41 -13.62
N LYS D 387 -30.36 -32.37 -12.30
CA LYS D 387 -31.57 -31.90 -11.65
C LYS D 387 -31.81 -30.43 -11.97
N THR D 388 -30.77 -29.60 -11.85
CA THR D 388 -30.93 -28.18 -12.16
C THR D 388 -31.27 -27.98 -13.62
N ALA D 389 -30.69 -28.79 -14.51
CA ALA D 389 -31.03 -28.70 -15.92
C ALA D 389 -32.49 -29.06 -16.17
N MET D 390 -33.01 -30.02 -15.41
CA MET D 390 -34.42 -30.39 -15.57
C MET D 390 -35.34 -29.27 -15.11
N ASP D 391 -35.00 -28.61 -14.01
CA ASP D 391 -35.86 -27.54 -13.49
C ASP D 391 -35.75 -26.28 -14.34
N ILE D 392 -34.57 -25.98 -14.86
CA ILE D 392 -34.38 -24.76 -15.64
C ILE D 392 -35.12 -24.85 -16.97
N PHE D 393 -34.79 -25.86 -17.77
CA PHE D 393 -35.34 -25.98 -19.11
C PHE D 393 -36.72 -26.64 -19.14
N GLN D 394 -37.26 -27.04 -17.99
CA GLN D 394 -38.57 -27.69 -17.91
C GLN D 394 -38.63 -28.91 -18.81
N VAL D 395 -37.58 -29.73 -18.75
CA VAL D 395 -37.49 -30.94 -19.54
C VAL D 395 -37.26 -32.13 -18.63
N SER D 396 -37.48 -33.31 -19.17
CA SER D 396 -37.17 -34.54 -18.45
C SER D 396 -35.67 -34.79 -18.49
N GLU D 397 -35.25 -35.93 -17.96
CA GLU D 397 -33.83 -36.26 -17.96
C GLU D 397 -33.33 -36.56 -19.36
N ASP D 398 -34.12 -37.27 -20.16
CA ASP D 398 -33.63 -37.79 -21.43
C ASP D 398 -33.40 -36.70 -22.46
N GLU D 399 -33.82 -35.46 -22.19
CA GLU D 399 -33.51 -34.33 -23.03
C GLU D 399 -32.35 -33.51 -22.49
N VAL D 400 -31.63 -34.03 -21.51
CA VAL D 400 -30.39 -33.41 -21.05
C VAL D 400 -29.28 -33.75 -22.04
N THR D 401 -28.70 -32.71 -22.62
CA THR D 401 -27.57 -32.80 -23.53
C THR D 401 -26.33 -32.23 -22.85
N PRO D 402 -25.13 -32.50 -23.38
CA PRO D 402 -23.93 -31.94 -22.77
C PRO D 402 -23.95 -30.43 -22.62
N ASN D 403 -24.68 -29.71 -23.48
CA ASN D 403 -24.77 -28.26 -23.35
C ASN D 403 -25.80 -27.85 -22.30
N MET D 404 -26.88 -28.61 -22.17
CA MET D 404 -27.89 -28.27 -21.17
C MET D 404 -27.37 -28.51 -19.76
N ARG D 405 -26.63 -29.61 -19.55
CA ARG D 405 -26.07 -29.87 -18.24
C ARG D 405 -24.84 -29.01 -17.96
N ARG D 406 -24.18 -28.50 -19.00
CA ARG D 406 -23.05 -27.61 -18.79
C ARG D 406 -23.49 -26.28 -18.21
N GLN D 407 -24.59 -25.73 -18.73
CA GLN D 407 -25.09 -24.45 -18.23
C GLN D 407 -25.70 -24.59 -16.84
N ALA D 408 -26.33 -25.74 -16.55
CA ALA D 408 -26.85 -25.96 -15.21
C ALA D 408 -25.72 -26.11 -14.20
N LYS D 409 -24.58 -26.69 -14.62
CA LYS D 409 -23.44 -26.80 -13.73
C LYS D 409 -22.94 -25.42 -13.33
N ALA D 410 -22.90 -24.48 -14.27
CA ALA D 410 -22.48 -23.13 -13.96
C ALA D 410 -23.46 -22.43 -13.02
N VAL D 411 -24.76 -22.73 -13.17
CA VAL D 411 -25.75 -22.13 -12.27
C VAL D 411 -25.59 -22.64 -10.85
N ASN D 412 -25.42 -23.97 -10.71
CA ASN D 412 -25.30 -24.57 -9.38
C ASN D 412 -24.12 -23.99 -8.62
N TYR D 413 -22.96 -23.89 -9.28
CA TYR D 413 -21.79 -23.32 -8.65
C TYR D 413 -21.88 -21.81 -8.52
N GLY D 414 -22.53 -21.14 -9.47
CA GLY D 414 -22.61 -19.69 -9.42
C GLY D 414 -23.51 -19.18 -8.31
N ILE D 415 -24.55 -19.94 -7.96
CA ILE D 415 -25.49 -19.48 -6.94
C ILE D 415 -24.82 -19.37 -5.58
N VAL D 416 -23.99 -20.35 -5.22
CA VAL D 416 -23.29 -20.30 -3.94
C VAL D 416 -22.22 -19.22 -3.91
N TYR D 417 -21.86 -18.66 -5.06
CA TYR D 417 -20.94 -17.54 -5.13
C TYR D 417 -21.64 -16.21 -5.29
N GLY D 418 -22.98 -16.21 -5.31
CA GLY D 418 -23.73 -14.98 -5.53
C GLY D 418 -23.57 -14.43 -6.93
N ILE D 419 -23.53 -15.29 -7.94
CA ILE D 419 -23.27 -14.83 -9.30
C ILE D 419 -24.46 -14.02 -9.81
N SER D 420 -24.17 -13.09 -10.70
CA SER D 420 -25.19 -12.29 -11.37
C SER D 420 -25.40 -12.80 -12.79
N ASP D 421 -26.40 -12.24 -13.46
CA ASP D 421 -26.65 -12.60 -14.85
C ASP D 421 -25.45 -12.24 -15.74
N TYR D 422 -24.75 -11.16 -15.40
CA TYR D 422 -23.58 -10.77 -16.18
C TYR D 422 -22.46 -11.80 -16.05
N GLY D 423 -22.17 -12.23 -14.83
CA GLY D 423 -21.12 -13.23 -14.64
C GLY D 423 -21.47 -14.57 -15.24
N LEU D 424 -22.74 -14.97 -15.14
CA LEU D 424 -23.16 -16.25 -15.70
C LEU D 424 -23.11 -16.23 -17.22
N ALA D 425 -23.53 -15.11 -17.83
CA ALA D 425 -23.49 -15.01 -19.29
C ALA D 425 -22.06 -15.00 -19.80
N GLN D 426 -21.17 -14.26 -19.12
CA GLN D 426 -19.78 -14.19 -19.55
C GLN D 426 -19.08 -15.54 -19.37
N ASN D 427 -19.52 -16.34 -18.41
CA ASN D 427 -18.89 -17.65 -18.18
C ASN D 427 -19.37 -18.69 -19.19
N LEU D 428 -20.61 -18.60 -19.64
CA LEU D 428 -21.17 -19.57 -20.58
C LEU D 428 -21.25 -19.05 -22.02
N ASN D 429 -20.91 -17.79 -22.25
CA ASN D 429 -20.99 -17.17 -23.58
C ASN D 429 -22.41 -17.27 -24.13
N ILE D 430 -23.39 -16.96 -23.28
CA ILE D 430 -24.78 -16.86 -23.67
C ILE D 430 -25.26 -15.43 -23.41
N SER D 431 -26.47 -15.14 -23.86
CA SER D 431 -27.00 -13.79 -23.70
C SER D 431 -27.33 -13.49 -22.25
N ARG D 432 -27.29 -12.20 -21.90
CA ARG D 432 -27.68 -11.78 -20.56
C ARG D 432 -29.16 -12.05 -20.31
N LYS D 433 -29.97 -12.03 -21.36
CA LYS D 433 -31.40 -12.32 -21.21
C LYS D 433 -31.62 -13.75 -20.73
N GLU D 434 -30.87 -14.70 -21.31
CA GLU D 434 -31.00 -16.09 -20.88
C GLU D 434 -30.39 -16.31 -19.51
N ALA D 435 -29.21 -15.72 -19.27
CA ALA D 435 -28.55 -15.90 -17.98
C ALA D 435 -29.42 -15.41 -16.83
N ALA D 436 -30.05 -14.24 -16.99
CA ALA D 436 -31.01 -13.79 -16.00
C ALA D 436 -32.18 -14.76 -15.88
N GLU D 437 -32.68 -15.24 -17.03
CA GLU D 437 -33.75 -16.22 -17.01
C GLU D 437 -33.33 -17.51 -16.32
N PHE D 438 -32.06 -17.90 -16.48
CA PHE D 438 -31.56 -19.07 -15.77
C PHE D 438 -31.58 -18.86 -14.27
N ILE D 439 -31.15 -17.67 -13.82
CA ILE D 439 -31.10 -17.38 -12.39
C ILE D 439 -32.51 -17.23 -11.83
N GLU D 440 -33.40 -16.58 -12.57
CA GLU D 440 -34.79 -16.45 -12.13
C GLU D 440 -35.46 -17.81 -12.02
N ARG D 441 -35.19 -18.71 -12.96
CA ARG D 441 -35.84 -20.01 -12.94
C ARG D 441 -35.24 -20.92 -11.86
N TYR D 442 -33.95 -20.77 -11.57
CA TYR D 442 -33.34 -21.56 -10.50
C TYR D 442 -34.00 -21.22 -9.16
N PHE D 443 -34.13 -19.94 -8.85
CA PHE D 443 -34.71 -19.54 -7.57
C PHE D 443 -36.20 -19.82 -7.50
N GLU D 444 -36.87 -19.88 -8.65
CA GLU D 444 -38.25 -20.36 -8.68
C GLU D 444 -38.31 -21.86 -8.42
N SER D 445 -37.32 -22.61 -8.89
CA SER D 445 -37.31 -24.05 -8.71
C SER D 445 -36.84 -24.46 -7.33
N PHE D 446 -36.04 -23.62 -6.66
CA PHE D 446 -35.51 -23.88 -5.33
C PHE D 446 -35.89 -22.70 -4.45
N PRO D 447 -37.13 -22.65 -3.96
CA PRO D 447 -37.54 -21.51 -3.13
C PRO D 447 -36.81 -21.45 -1.80
N GLY D 448 -36.45 -22.60 -1.22
CA GLY D 448 -35.70 -22.58 0.02
C GLY D 448 -34.35 -21.90 -0.10
N VAL D 449 -33.70 -22.04 -1.26
CA VAL D 449 -32.41 -21.39 -1.47
C VAL D 449 -32.59 -19.87 -1.56
N LYS D 450 -33.59 -19.41 -2.31
CA LYS D 450 -33.87 -17.99 -2.36
C LYS D 450 -34.24 -17.45 -0.98
N ARG D 451 -35.01 -18.24 -0.21
CA ARG D 451 -35.28 -17.86 1.18
C ARG D 451 -33.99 -17.71 1.96
N TYR D 452 -33.05 -18.65 1.79
CA TYR D 452 -31.77 -18.56 2.48
C TYR D 452 -31.00 -17.32 2.06
N MET D 453 -30.90 -17.08 0.75
CA MET D 453 -30.14 -15.93 0.26
C MET D 453 -30.71 -14.62 0.78
N GLU D 454 -32.04 -14.54 0.91
CA GLU D 454 -32.67 -13.34 1.44
C GLU D 454 -32.51 -13.24 2.96
N ASN D 455 -32.65 -14.36 3.66
CA ASN D 455 -32.61 -14.33 5.12
C ASN D 455 -31.19 -14.18 5.64
N ILE D 456 -30.20 -14.80 4.97
CA ILE D 456 -28.84 -14.71 5.47
C ILE D 456 -28.28 -13.30 5.31
N VAL D 457 -28.71 -12.58 4.27
CA VAL D 457 -28.32 -11.19 4.13
C VAL D 457 -28.99 -10.33 5.21
N GLN D 458 -30.27 -10.62 5.50
CA GLN D 458 -30.97 -9.87 6.53
C GLN D 458 -30.39 -10.15 7.91
N GLU D 459 -30.04 -11.41 8.18
CA GLU D 459 -29.40 -11.74 9.46
C GLU D 459 -28.05 -11.06 9.58
N ALA D 460 -27.31 -10.97 8.47
CA ALA D 460 -26.02 -10.28 8.51
C ALA D 460 -26.19 -8.80 8.81
N LYS D 461 -27.25 -8.18 8.28
CA LYS D 461 -27.49 -6.77 8.58
C LYS D 461 -27.94 -6.57 10.02
N GLN D 462 -28.65 -7.55 10.59
CA GLN D 462 -29.16 -7.39 11.95
C GLN D 462 -28.10 -7.69 12.99
N LYS D 463 -27.34 -8.76 12.80
CA LYS D 463 -26.35 -9.20 13.79
C LYS D 463 -24.94 -8.68 13.52
N GLY D 464 -24.64 -8.28 12.29
CA GLY D 464 -23.30 -7.86 11.93
C GLY D 464 -22.34 -8.97 11.62
N TYR D 465 -22.79 -10.23 11.63
CA TYR D 465 -21.93 -11.36 11.33
C TYR D 465 -22.80 -12.54 10.91
N VAL D 466 -22.16 -13.52 10.27
CA VAL D 466 -22.81 -14.78 9.91
C VAL D 466 -22.05 -15.91 10.58
N THR D 467 -22.74 -17.03 10.78
CA THR D 467 -22.19 -18.17 11.49
C THR D 467 -22.22 -19.42 10.61
N THR D 468 -21.42 -20.40 11.00
CA THR D 468 -21.36 -21.70 10.35
C THR D 468 -22.00 -22.75 11.25
N LEU D 469 -21.92 -24.02 10.83
CA LEU D 469 -22.56 -25.09 11.58
C LEU D 469 -21.94 -25.27 12.95
N LEU D 470 -20.62 -25.20 13.06
CA LEU D 470 -19.92 -25.39 14.32
C LEU D 470 -19.53 -24.07 14.98
N HIS D 471 -20.31 -23.02 14.73
CA HIS D 471 -20.26 -21.76 15.46
C HIS D 471 -19.06 -20.89 15.10
N ARG D 472 -18.42 -21.13 13.95
CA ARG D 472 -17.46 -20.17 13.43
C ARG D 472 -18.22 -18.96 12.89
N ARG D 473 -17.65 -17.77 13.04
CA ARG D 473 -18.35 -16.57 12.60
C ARG D 473 -17.41 -15.66 11.82
N ARG D 474 -18.00 -14.81 10.99
CA ARG D 474 -17.28 -13.83 10.20
C ARG D 474 -18.05 -12.51 10.25
N TYR D 475 -17.38 -11.43 10.66
CA TYR D 475 -18.03 -10.14 10.79
C TYR D 475 -18.05 -9.42 9.44
N LEU D 476 -19.17 -8.79 9.13
CA LEU D 476 -19.40 -8.14 7.83
C LEU D 476 -19.94 -6.74 8.06
N PRO D 477 -19.11 -5.82 8.54
CA PRO D 477 -19.59 -4.44 8.77
C PRO D 477 -19.98 -3.70 7.50
N ASP D 478 -19.53 -4.17 6.33
CA ASP D 478 -19.88 -3.54 5.06
C ASP D 478 -21.28 -3.89 4.58
N ILE D 479 -22.01 -4.74 5.30
CA ILE D 479 -23.31 -5.20 4.83
C ILE D 479 -24.32 -4.07 4.76
N THR D 480 -24.12 -3.00 5.53
CA THR D 480 -25.03 -1.86 5.54
C THR D 480 -24.46 -0.64 4.81
N SER D 481 -23.35 -0.81 4.11
CA SER D 481 -22.71 0.31 3.41
C SER D 481 -23.68 0.94 2.42
N ARG D 482 -23.61 2.27 2.30
CA ARG D 482 -24.43 2.96 1.32
C ARG D 482 -23.91 2.76 -0.10
N ASN D 483 -22.65 2.36 -0.25
CA ASN D 483 -22.09 2.09 -1.58
C ASN D 483 -22.61 0.76 -2.10
N PHE D 484 -23.07 0.75 -3.36
CA PHE D 484 -23.64 -0.45 -3.93
C PHE D 484 -22.61 -1.56 -4.04
N ASN D 485 -21.42 -1.24 -4.58
CA ASN D 485 -20.39 -2.25 -4.78
C ASN D 485 -19.93 -2.83 -3.45
N VAL D 486 -19.69 -1.96 -2.46
CA VAL D 486 -19.24 -2.43 -1.15
C VAL D 486 -20.32 -3.29 -0.49
N ARG D 487 -21.59 -2.87 -0.59
CA ARG D 487 -22.67 -3.62 0.01
C ARG D 487 -22.86 -4.97 -0.68
N SER D 488 -22.79 -5.00 -2.01
CA SER D 488 -23.03 -6.24 -2.76
C SER D 488 -21.97 -7.28 -2.43
N PHE D 489 -20.70 -6.87 -2.32
CA PHE D 489 -19.65 -7.80 -1.94
C PHE D 489 -19.94 -8.44 -0.59
N ALA D 490 -20.32 -7.62 0.39
CA ALA D 490 -20.62 -8.15 1.72
C ALA D 490 -21.81 -9.09 1.67
N GLU D 491 -22.80 -8.81 0.82
CA GLU D 491 -23.95 -9.69 0.70
C GLU D 491 -23.55 -11.05 0.12
N ARG D 492 -22.68 -11.04 -0.90
CA ARG D 492 -22.19 -12.30 -1.44
C ARG D 492 -21.40 -13.07 -0.38
N MET D 493 -20.62 -12.36 0.45
CA MET D 493 -19.94 -13.01 1.55
C MET D 493 -20.95 -13.61 2.53
N ALA D 494 -21.99 -12.85 2.87
CA ALA D 494 -23.01 -13.36 3.79
C ALA D 494 -23.63 -14.64 3.25
N MET D 495 -23.83 -14.72 1.92
CA MET D 495 -24.40 -15.92 1.34
C MET D 495 -23.42 -17.09 1.36
N ASN D 496 -22.12 -16.81 1.22
CA ASN D 496 -21.13 -17.83 0.89
C ASN D 496 -20.43 -18.43 2.09
N THR D 497 -19.92 -17.62 3.03
CA THR D 497 -19.07 -18.22 4.07
C THR D 497 -19.82 -19.18 5.00
N PRO D 498 -21.14 -19.04 5.20
CA PRO D 498 -21.85 -20.14 5.87
C PRO D 498 -21.75 -21.46 5.11
N ILE D 499 -21.66 -21.40 3.79
CA ILE D 499 -21.53 -22.63 2.99
C ILE D 499 -20.10 -23.14 3.01
N GLN D 500 -19.16 -22.28 2.58
CA GLN D 500 -17.75 -22.70 2.57
C GLN D 500 -17.23 -22.95 3.98
N GLY D 501 -17.68 -22.16 4.96
CA GLY D 501 -17.20 -22.33 6.32
C GLY D 501 -17.69 -23.62 6.95
N SER D 502 -18.97 -23.96 6.73
CA SER D 502 -19.48 -25.22 7.25
C SER D 502 -18.79 -26.40 6.63
N ALA D 503 -18.54 -26.34 5.31
CA ALA D 503 -17.76 -27.40 4.66
C ALA D 503 -16.37 -27.50 5.27
N ALA D 504 -15.79 -26.37 5.67
CA ALA D 504 -14.50 -26.40 6.37
C ALA D 504 -14.63 -27.03 7.74
N ASP D 505 -15.71 -26.71 8.47
CA ASP D 505 -15.92 -27.32 9.79
C ASP D 505 -16.02 -28.83 9.69
N ILE D 506 -16.71 -29.33 8.66
CA ILE D 506 -16.99 -30.76 8.56
C ILE D 506 -15.70 -31.54 8.34
N ILE D 507 -14.92 -31.15 7.33
CA ILE D 507 -13.70 -31.89 7.02
C ILE D 507 -12.68 -31.77 8.15
N LYS D 508 -12.68 -30.64 8.87
CA LYS D 508 -11.81 -30.52 10.04
C LYS D 508 -12.16 -31.56 11.10
N LYS D 509 -13.45 -31.72 11.38
CA LYS D 509 -13.85 -32.78 12.31
C LYS D 509 -13.57 -34.16 11.73
N ALA D 510 -13.75 -34.32 10.42
CA ALA D 510 -13.47 -35.60 9.78
C ALA D 510 -12.01 -36.00 9.98
N MET D 511 -11.09 -35.03 9.97
CA MET D 511 -9.67 -35.33 10.16
C MET D 511 -9.40 -35.80 11.58
N ILE D 512 -10.04 -35.17 12.58
CA ILE D 512 -9.85 -35.58 13.96
C ILE D 512 -10.42 -36.98 14.18
N ASP D 513 -11.63 -37.23 13.67
CA ASP D 513 -12.24 -38.55 13.80
C ASP D 513 -11.40 -39.60 13.08
N LEU D 514 -10.89 -39.27 11.88
CA LEU D 514 -10.10 -40.24 11.13
C LEU D 514 -8.79 -40.55 11.85
N ASN D 515 -8.05 -39.51 12.26
CA ASN D 515 -6.79 -39.72 12.97
C ASN D 515 -6.99 -40.54 14.24
N ALA D 516 -8.16 -40.41 14.88
CA ALA D 516 -8.44 -41.22 16.06
C ALA D 516 -8.58 -42.69 15.72
N ARG D 517 -9.29 -43.00 14.62
CA ARG D 517 -9.48 -44.40 14.24
C ARG D 517 -8.19 -45.03 13.77
N LEU D 518 -7.35 -44.27 13.07
CA LEU D 518 -6.08 -44.80 12.58
C LEU D 518 -5.17 -45.19 13.74
N LYS D 519 -5.06 -44.31 14.74
CA LYS D 519 -4.13 -44.56 15.83
C LYS D 519 -4.61 -45.69 16.73
N GLU D 520 -5.92 -45.81 16.94
CA GLU D 520 -6.43 -46.89 17.78
C GLU D 520 -6.26 -48.25 17.10
N GLU D 521 -6.41 -48.29 15.77
CA GLU D 521 -6.19 -49.51 15.03
C GLU D 521 -4.72 -49.75 14.70
N ARG D 522 -3.83 -48.85 15.17
CA ARG D 522 -2.39 -48.99 14.98
C ARG D 522 -2.00 -49.17 13.52
N LEU D 523 -2.82 -48.64 12.61
CA LEU D 523 -2.49 -48.67 11.20
C LEU D 523 -1.29 -47.76 10.92
N GLN D 524 -0.42 -48.20 10.02
CA GLN D 524 0.67 -47.34 9.59
C GLN D 524 0.20 -46.19 8.71
N ALA D 525 -1.04 -46.24 8.22
CA ALA D 525 -1.59 -45.16 7.41
C ALA D 525 -1.58 -43.85 8.17
N HIS D 526 -1.35 -42.76 7.44
CA HIS D 526 -1.42 -41.44 8.05
C HIS D 526 -1.72 -40.41 6.97
N LEU D 527 -2.26 -39.28 7.41
CA LEU D 527 -2.61 -38.21 6.50
C LEU D 527 -1.37 -37.51 5.97
N LEU D 528 -1.41 -37.11 4.71
CA LEU D 528 -0.40 -36.26 4.10
C LEU D 528 -0.92 -34.86 3.82
N LEU D 529 -2.10 -34.76 3.20
CA LEU D 529 -2.62 -33.50 2.72
C LEU D 529 -4.12 -33.42 2.94
N GLN D 530 -4.60 -32.21 3.17
CA GLN D 530 -6.01 -31.86 3.04
C GLN D 530 -6.13 -30.83 1.93
N VAL D 531 -7.08 -31.03 1.02
CA VAL D 531 -7.31 -30.09 -0.07
C VAL D 531 -8.76 -29.63 -0.01
N HIS D 532 -9.11 -28.94 1.08
CA HIS D 532 -10.39 -28.26 1.25
C HIS D 532 -11.55 -29.23 1.41
N ASP D 533 -11.78 -30.11 0.43
CA ASP D 533 -12.81 -31.14 0.56
C ASP D 533 -12.26 -32.52 0.24
N GLU D 534 -10.93 -32.68 0.31
CA GLU D 534 -10.28 -33.96 0.08
C GLU D 534 -9.30 -34.25 1.21
N LEU D 535 -8.97 -35.53 1.36
CA LEU D 535 -7.92 -35.97 2.25
C LEU D 535 -7.01 -36.94 1.49
N ILE D 536 -5.70 -36.74 1.61
CA ILE D 536 -4.71 -37.58 0.95
C ILE D 536 -3.93 -38.32 2.02
N LEU D 537 -3.85 -39.63 1.89
CA LEU D 537 -3.11 -40.48 2.81
C LEU D 537 -2.12 -41.35 2.04
N GLU D 538 -1.17 -41.91 2.78
CA GLU D 538 -0.32 -42.98 2.28
C GLU D 538 -0.30 -44.09 3.32
N ALA D 539 -0.10 -45.32 2.84
CA ALA D 539 -0.19 -46.50 3.70
C ALA D 539 0.45 -47.66 2.97
N PRO D 540 0.88 -48.70 3.70
CA PRO D 540 1.27 -49.94 3.03
C PRO D 540 0.13 -50.49 2.20
N LYS D 541 0.49 -51.19 1.12
CA LYS D 541 -0.54 -51.74 0.24
C LYS D 541 -1.45 -52.74 0.95
N GLU D 542 -1.04 -53.24 2.12
CA GLU D 542 -1.87 -54.20 2.85
C GLU D 542 -3.05 -53.51 3.53
N GLU D 543 -2.91 -52.24 3.88
CA GLU D 543 -3.97 -51.51 4.56
C GLU D 543 -4.95 -50.85 3.60
N MET D 544 -4.77 -51.03 2.29
CA MET D 544 -5.62 -50.34 1.32
C MET D 544 -7.07 -50.80 1.42
N GLU D 545 -7.29 -52.11 1.63
CA GLU D 545 -8.65 -52.60 1.73
C GLU D 545 -9.37 -52.02 2.94
N ARG D 546 -8.65 -51.86 4.06
CA ARG D 546 -9.25 -51.27 5.25
C ARG D 546 -9.63 -49.81 5.00
N LEU D 547 -8.74 -49.05 4.36
CA LEU D 547 -9.00 -47.63 4.14
C LEU D 547 -10.21 -47.40 3.24
N CYS D 548 -10.49 -48.34 2.33
CA CYS D 548 -11.63 -48.19 1.43
C CYS D 548 -12.96 -48.18 2.17
N ARG D 549 -12.98 -48.65 3.43
CA ARG D 549 -14.18 -48.59 4.26
C ARG D 549 -14.04 -47.60 5.42
N LEU D 550 -12.84 -47.46 5.99
CA LEU D 550 -12.65 -46.59 7.14
C LEU D 550 -12.71 -45.12 6.74
N VAL D 551 -11.91 -44.72 5.75
CA VAL D 551 -11.82 -43.30 5.39
C VAL D 551 -13.15 -42.73 4.91
N PRO D 552 -13.84 -43.33 3.94
CA PRO D 552 -15.11 -42.72 3.50
C PRO D 552 -16.19 -42.72 4.56
N GLU D 553 -16.25 -43.75 5.41
CA GLU D 553 -17.28 -43.79 6.44
C GLU D 553 -17.04 -42.71 7.49
N VAL D 554 -15.79 -42.54 7.93
CA VAL D 554 -15.47 -41.51 8.91
C VAL D 554 -15.79 -40.13 8.35
N MET D 555 -15.44 -39.89 7.08
CA MET D 555 -15.73 -38.59 6.48
C MET D 555 -17.24 -38.38 6.31
N GLU D 556 -17.97 -39.45 6.00
CA GLU D 556 -19.42 -39.33 5.82
C GLU D 556 -20.15 -39.17 7.15
N GLN D 557 -19.58 -39.69 8.24
CA GLN D 557 -20.21 -39.63 9.56
C GLN D 557 -19.65 -38.52 10.43
N ALA D 558 -18.85 -37.61 9.86
CA ALA D 558 -18.29 -36.52 10.64
C ALA D 558 -19.40 -35.69 11.29
N VAL D 559 -20.37 -35.26 10.48
CA VAL D 559 -21.59 -34.63 10.97
C VAL D 559 -22.77 -35.31 10.30
N THR D 560 -23.97 -35.01 10.79
CA THR D 560 -25.20 -35.53 10.23
C THR D 560 -26.07 -34.37 9.77
N LEU D 561 -26.33 -34.31 8.47
CA LEU D 561 -27.12 -33.25 7.88
C LEU D 561 -28.51 -33.77 7.52
N ARG D 562 -29.37 -32.86 7.07
CA ARG D 562 -30.66 -33.25 6.53
C ARG D 562 -30.53 -33.93 5.17
N VAL D 563 -29.34 -33.94 4.57
CA VAL D 563 -29.06 -34.70 3.36
C VAL D 563 -27.84 -35.58 3.63
N PRO D 564 -27.64 -36.62 2.83
CA PRO D 564 -26.48 -37.49 3.02
C PRO D 564 -25.20 -36.81 2.57
N LEU D 565 -24.08 -37.31 3.10
CA LEU D 565 -22.75 -36.93 2.66
C LEU D 565 -22.16 -38.08 1.85
N LYS D 566 -21.57 -37.75 0.70
CA LYS D 566 -21.06 -38.74 -0.25
C LYS D 566 -19.56 -38.55 -0.41
N VAL D 567 -18.81 -39.65 -0.32
CA VAL D 567 -17.35 -39.63 -0.42
C VAL D 567 -16.92 -40.68 -1.45
N ASP D 568 -16.09 -40.26 -2.40
CA ASP D 568 -15.43 -41.14 -3.35
C ASP D 568 -13.97 -41.30 -2.96
N TYR D 569 -13.38 -42.44 -3.38
CA TYR D 569 -12.02 -42.77 -3.00
C TYR D 569 -11.31 -43.48 -4.15
N HIS D 570 -9.99 -43.34 -4.18
CA HIS D 570 -9.14 -44.01 -5.15
C HIS D 570 -7.77 -44.22 -4.52
N TYR D 571 -6.94 -45.04 -5.18
CA TYR D 571 -5.59 -45.27 -4.68
C TYR D 571 -4.72 -45.79 -5.82
N GLY D 572 -3.41 -45.61 -5.66
CA GLY D 572 -2.47 -46.01 -6.70
C GLY D 572 -1.05 -45.74 -6.25
N SER D 573 -0.11 -46.03 -7.15
CA SER D 573 1.30 -45.93 -6.84
C SER D 573 1.80 -44.50 -6.76
N THR D 574 1.10 -43.55 -7.40
CA THR D 574 1.41 -42.14 -7.29
C THR D 574 0.11 -41.38 -7.01
N TRP D 575 0.26 -40.09 -6.66
CA TRP D 575 -0.92 -39.25 -6.50
C TRP D 575 -1.70 -39.16 -7.80
N TYR D 576 -1.00 -39.17 -8.93
CA TYR D 576 -1.66 -39.17 -10.23
C TYR D 576 -2.51 -40.43 -10.41
N ASP D 577 -2.01 -41.58 -9.97
CA ASP D 577 -2.69 -42.84 -10.20
C ASP D 577 -3.85 -43.08 -9.25
N ALA D 578 -4.00 -42.26 -8.21
CA ALA D 578 -5.13 -42.39 -7.29
C ALA D 578 -6.34 -41.63 -7.81
N LYS D 579 -6.78 -42.02 -9.00
CA LYS D 579 -7.88 -41.35 -9.68
C LYS D 579 -9.01 -42.32 -10.01
N1 DOC E 9 -11.49 -25.41 -5.03
C2 DOC E 9 -11.99 -24.20 -4.79
N3 DOC E 9 -12.21 -23.33 -5.79
C4 DOC E 9 -11.95 -23.67 -7.07
C5 DOC E 9 -11.43 -24.95 -7.36
C6 DOC E 9 -11.21 -25.82 -6.28
O2 DOC E 9 -12.23 -23.88 -3.68
N4 DOC E 9 -12.20 -22.71 -8.16
C1' DOC E 9 -11.27 -26.33 -3.90
C2' DOC E 9 -12.51 -27.31 -3.74
C3' DOC E 9 -12.02 -28.61 -4.29
C4' DOC E 9 -10.73 -28.61 -4.03
O4' DOC E 9 -10.26 -27.07 -4.14
C5' DOC E 9 -9.97 -29.46 -5.05
O5' DOC E 9 -10.20 -28.94 -6.33
P DOC E 9 -9.30 -29.56 -7.62
OP1 DOC E 9 -9.20 -31.07 -7.50
OP2 DOC E 9 -9.94 -29.17 -8.92
C2 NG3 G . 16.10 21.82 7.54
C4 NG3 G . 16.23 23.60 5.85
C5 NG3 G . 17.45 22.91 5.33
C6 NG3 G . 17.73 21.89 5.97
C8 NG3 G . 17.14 24.78 3.97
C1' NG3 G . 15.14 25.65 5.05
C2' NG3 G . 15.65 26.67 6.07
C3' NG3 G . 16.01 27.85 5.22
C4' NG3 G . 15.04 27.76 4.09
C5' NG3 G . 15.69 28.40 2.87
N1 NG3 G . 17.18 21.40 6.92
O6 NG3 G . 18.87 21.22 5.53
O4' NG3 G . 14.85 26.38 3.86
N2 NG3 G . 15.51 21.14 8.68
N3 NG3 G . 15.54 23.03 6.99
N3' NG3 G . 15.86 29.11 5.94
N7 NG3 G . 17.77 23.75 4.29
N9 NG3 G . 16.19 24.69 4.90
O1A NG3 G . 18.11 29.26 1.20
O1B NG3 G . 19.84 29.97 5.29
O1G NG3 G . 20.65 31.45 1.17
O2A NG3 G . 18.94 27.14 1.28
O2B NG3 G . 18.93 30.97 3.44
O2G NG3 G . 22.18 32.14 2.77
O3A NG3 G . 18.90 28.39 3.51
O3B NG3 G . 21.16 29.76 3.10
O3G NG3 G . 22.77 30.52 1.22
O5' NG3 G . 16.66 27.51 2.40
PA NG3 G . 18.16 28.08 2.08
PB NG3 G . 19.70 29.79 3.84
PG NG3 G . 21.68 30.95 2.08
CA CA H . 18.23 31.68 0.86
S SO4 I . -34.40 18.90 -4.01
O1 SO4 I . -35.59 18.06 -3.90
O2 SO4 I . -33.31 18.13 -4.59
O3 SO4 I . -34.02 19.39 -2.69
O4 SO4 I . -34.69 20.05 -4.86
S SO4 J . -11.11 16.77 -10.16
O1 SO4 J . -12.04 15.86 -10.83
O2 SO4 J . -9.76 16.58 -10.70
O3 SO4 J . -11.10 16.51 -8.73
O4 SO4 J . -11.54 18.16 -10.40
S SO4 K . -13.57 30.16 -27.16
O1 SO4 K . -14.09 28.80 -27.03
O2 SO4 K . -12.29 30.12 -27.85
O3 SO4 K . -13.40 30.75 -25.84
O4 SO4 K . -14.52 30.95 -27.94
S SO4 L . -10.50 40.75 -24.95
O1 SO4 L . -11.24 39.51 -25.13
O2 SO4 L . -9.09 40.54 -25.28
O3 SO4 L . -10.62 41.20 -23.57
O4 SO4 L . -11.05 41.77 -25.84
S SO4 M . -19.80 6.82 -1.92
O1 SO4 M . -20.63 5.84 -1.22
O2 SO4 M . -19.10 6.16 -3.02
O3 SO4 M . -20.65 7.88 -2.45
O4 SO4 M . -18.81 7.38 -1.00
S SO4 N . 9.96 18.57 -29.06
O1 SO4 N . 10.99 18.35 -28.05
O2 SO4 N . 10.13 17.61 -30.15
O3 SO4 N . 10.08 19.92 -29.59
O4 SO4 N . 8.65 18.38 -28.45
S SO4 O . -33.45 35.33 -19.64
O1 SO4 O . -34.25 34.23 -20.16
O2 SO4 O . -32.37 35.64 -20.58
O3 SO4 O . -32.89 34.97 -18.34
O4 SO4 O . -34.29 36.52 -19.48
S SO4 P . -29.18 38.79 -8.20
O1 SO4 P . -27.93 38.33 -7.59
O2 SO4 P . -29.87 37.67 -8.83
O3 SO4 P . -30.04 39.37 -7.17
O4 SO4 P . -28.87 39.80 -9.22
S SO4 Q . 16.55 -26.97 41.69
O1 SO4 Q . 17.76 -26.76 40.93
O2 SO4 Q . 15.74 -28.01 41.05
O3 SO4 Q . 15.79 -25.73 41.76
O4 SO4 Q . 16.88 -27.40 43.05
#